data_2G1Z
# 
_entry.id   2G1Z 
# 
_audit_conform.dict_name       mmcif_pdbx.dic 
_audit_conform.dict_version    5.388 
_audit_conform.dict_location   http://mmcif.pdb.org/dictionaries/ascii/mmcif_pdbx.dic 
# 
loop_
_database_2.database_id 
_database_2.database_code 
_database_2.pdbx_database_accession 
_database_2.pdbx_DOI 
PDB   2G1Z         pdb_00002g1z 10.2210/pdb2g1z/pdb 
NDB   BD0093       ?            ?                   
RCSB  RCSB036587   ?            ?                   
WWPDB D_1000036587 ?            ?                   
# 
loop_
_pdbx_audit_revision_history.ordinal 
_pdbx_audit_revision_history.data_content_type 
_pdbx_audit_revision_history.major_revision 
_pdbx_audit_revision_history.minor_revision 
_pdbx_audit_revision_history.revision_date 
1 'Structure model' 1 0 2006-03-21 
2 'Structure model' 1 1 2008-05-01 
3 'Structure model' 1 2 2011-07-13 
4 'Structure model' 1 3 2019-11-06 
5 'Structure model' 1 4 2024-03-13 
# 
_pdbx_audit_revision_details.ordinal             1 
_pdbx_audit_revision_details.revision_ordinal    1 
_pdbx_audit_revision_details.data_content_type   'Structure model' 
_pdbx_audit_revision_details.provider            repository 
_pdbx_audit_revision_details.type                'Initial release' 
_pdbx_audit_revision_details.description         ? 
_pdbx_audit_revision_details.details             ? 
# 
loop_
_pdbx_audit_revision_group.ordinal 
_pdbx_audit_revision_group.revision_ordinal 
_pdbx_audit_revision_group.data_content_type 
_pdbx_audit_revision_group.group 
1 2 'Structure model' 'Version format compliance' 
2 3 'Structure model' 'Version format compliance' 
3 4 'Structure model' 'Data collection'           
4 4 'Structure model' 'Database references'       
5 5 'Structure model' 'Data collection'           
6 5 'Structure model' 'Database references'       
# 
loop_
_pdbx_audit_revision_category.ordinal 
_pdbx_audit_revision_category.revision_ordinal 
_pdbx_audit_revision_category.data_content_type 
_pdbx_audit_revision_category.category 
1 4 'Structure model' citation       
2 5 'Structure model' chem_comp_atom 
3 5 'Structure model' chem_comp_bond 
4 5 'Structure model' database_2     
# 
loop_
_pdbx_audit_revision_item.ordinal 
_pdbx_audit_revision_item.revision_ordinal 
_pdbx_audit_revision_item.data_content_type 
_pdbx_audit_revision_item.item 
1 4 'Structure model' '_citation.pdbx_database_id_DOI'      
2 5 'Structure model' '_database_2.pdbx_DOI'                
3 5 'Structure model' '_database_2.pdbx_database_accession' 
# 
_pdbx_database_status.status_code                     REL 
_pdbx_database_status.entry_id                        2G1Z 
_pdbx_database_status.recvd_initial_deposition_date   2006-02-15 
_pdbx_database_status.deposit_site                    RCSB 
_pdbx_database_status.process_site                    PDBJ 
_pdbx_database_status.status_code_sf                  REL 
_pdbx_database_status.status_code_mr                  ? 
_pdbx_database_status.SG_entry                        ? 
_pdbx_database_status.pdb_format_compatible           Y 
_pdbx_database_status.status_code_cs                  ? 
_pdbx_database_status.methods_development_category    ? 
_pdbx_database_status.status_code_nmr_data            ? 
# 
loop_
_audit_author.name 
_audit_author.pdbx_ordinal 
'Valls, N.'       1 
'Santaolalla, A.' 2 
'Campos, J.L.'    3 
'Subirana, J.A.'  4 
# 
_citation.id                        primary 
_citation.title                     'Packing features of the all-AT oligonucleotide d(AAATTT).' 
_citation.journal_abbrev            J.Biomol.Struct.Dyn. 
_citation.journal_volume            24 
_citation.page_first                547 
_citation.page_last                 552 
_citation.year                      2007 
_citation.journal_id_ASTM           JBSDD6 
_citation.country                   US 
_citation.journal_id_ISSN           0739-1102 
_citation.journal_id_CSD            0646 
_citation.book_publisher            ? 
_citation.pdbx_database_id_PubMed   17508776 
_citation.pdbx_database_id_DOI      10.1080/07391102.2007.10507143 
# 
loop_
_citation_author.citation_id 
_citation_author.name 
_citation_author.ordinal 
_citation_author.identifier_ORCID 
primary 'Valls, N.'       1 ? 
primary 'Santaolalla, A.' 2 ? 
primary 'Campos, J.L.'    3 ? 
primary 'Subirana, J.A.'  4 ? 
# 
_entity.id                         1 
_entity.type                       polymer 
_entity.src_method                 syn 
_entity.pdbx_description           "5'-D(*AP*AP*AP*TP*TP*T)-3'" 
_entity.formula_weight             1807.241 
_entity.pdbx_number_of_molecules   3 
_entity.pdbx_ec                    ? 
_entity.pdbx_mutation              ? 
_entity.pdbx_fragment              ? 
_entity.details                    ? 
# 
_entity_poly.entity_id                      1 
_entity_poly.type                           polydeoxyribonucleotide 
_entity_poly.nstd_linkage                   no 
_entity_poly.nstd_monomer                   no 
_entity_poly.pdbx_seq_one_letter_code       '(DA)(DA)(DA)(DT)(DT)(DT)' 
_entity_poly.pdbx_seq_one_letter_code_can   AAATTT 
_entity_poly.pdbx_strand_id                 A,C,B 
_entity_poly.pdbx_target_identifier         ? 
# 
loop_
_entity_poly_seq.entity_id 
_entity_poly_seq.num 
_entity_poly_seq.mon_id 
_entity_poly_seq.hetero 
1 1 DA n 
1 2 DA n 
1 3 DA n 
1 4 DT n 
1 5 DT n 
1 6 DT n 
# 
loop_
_chem_comp.id 
_chem_comp.type 
_chem_comp.mon_nstd_flag 
_chem_comp.name 
_chem_comp.pdbx_synonyms 
_chem_comp.formula 
_chem_comp.formula_weight 
DA 'DNA linking' y "2'-DEOXYADENOSINE-5'-MONOPHOSPHATE" ? 'C10 H14 N5 O6 P' 331.222 
DT 'DNA linking' y "THYMIDINE-5'-MONOPHOSPHATE"         ? 'C10 H15 N2 O8 P' 322.208 
# 
loop_
_pdbx_poly_seq_scheme.asym_id 
_pdbx_poly_seq_scheme.entity_id 
_pdbx_poly_seq_scheme.seq_id 
_pdbx_poly_seq_scheme.mon_id 
_pdbx_poly_seq_scheme.ndb_seq_num 
_pdbx_poly_seq_scheme.pdb_seq_num 
_pdbx_poly_seq_scheme.auth_seq_num 
_pdbx_poly_seq_scheme.pdb_mon_id 
_pdbx_poly_seq_scheme.auth_mon_id 
_pdbx_poly_seq_scheme.pdb_strand_id 
_pdbx_poly_seq_scheme.pdb_ins_code 
_pdbx_poly_seq_scheme.hetero 
A 1 1 DA 1 1  1  DA A A . n 
A 1 2 DA 2 2  2  DA A A . n 
A 1 3 DA 3 3  3  DA A A . n 
A 1 4 DT 4 4  4  DT T A . n 
A 1 5 DT 5 5  5  DT T A . n 
A 1 6 DT 6 6  6  DT T A . n 
B 1 1 DA 1 7  7  DA A C . n 
B 1 2 DA 2 8  8  DA A C . n 
B 1 3 DA 3 9  9  DA A C . n 
B 1 4 DT 4 10 10 DT T C . n 
B 1 5 DT 5 11 11 DT T C . n 
B 1 6 DT 6 12 12 DT T C . n 
C 1 1 DA 1 1  1  DA A B . n 
C 1 2 DA 2 2  2  DA A B . n 
C 1 3 DA 3 3  3  DA A B . n 
C 1 4 DT 4 4  4  DT T B . n 
C 1 5 DT 5 5  5  DT T B . n 
C 1 6 DT 6 6  6  DT T B . n 
# 
loop_
_software.name 
_software.classification 
_software.version 
_software.citation_id 
_software.pdbx_ordinal 
REFMAC    refinement       5.1.24 ? 1 
HKL-2000  'data reduction' .      ? 2 
SCALEPACK 'data scaling'   .      ? 3 
MOLREP    phasing          .      ? 4 
# 
_cell.entry_id           2G1Z 
_cell.length_a           43.127 
_cell.length_b           43.127 
_cell.length_c           176.579 
_cell.angle_alpha        90.00 
_cell.angle_beta         90.00 
_cell.angle_gamma        120.00 
_cell.Z_PDB              54 
_cell.pdbx_unique_axis   ? 
_cell.length_a_esd       ? 
_cell.length_b_esd       ? 
_cell.length_c_esd       ? 
_cell.angle_alpha_esd    ? 
_cell.angle_beta_esd     ? 
_cell.angle_gamma_esd    ? 
# 
_symmetry.entry_id                         2G1Z 
_symmetry.space_group_name_H-M             'H 3 2' 
_symmetry.pdbx_full_space_group_name_H-M   ? 
_symmetry.cell_setting                     ? 
_symmetry.Int_Tables_number                155 
_symmetry.space_group_name_Hall            ? 
# 
_exptl.entry_id          2G1Z 
_exptl.method            'X-RAY DIFFRACTION' 
_exptl.crystals_number   1 
# 
_exptl_crystal.id                    1 
_exptl_crystal.density_meas          ? 
_exptl_crystal.density_Matthews      2.84 
_exptl_crystal.density_percent_sol   56.68 
_exptl_crystal.description           ? 
_exptl_crystal.F_000                 ? 
_exptl_crystal.preparation           ? 
# 
_exptl_crystal_grow.crystal_id      1 
_exptl_crystal_grow.method          'VAPOR DIFFUSION, HANGING DROP' 
_exptl_crystal_grow.temp            277 
_exptl_crystal_grow.temp_details    ? 
_exptl_crystal_grow.pH              6.5 
_exptl_crystal_grow.pdbx_details    
;25mM cacodylate, 100mM calcium chloride, 20mM lythium chloride, 0.5mM spermine, 32% MPD, pH 6.5, VAPOR DIFFUSION, HANGING DROP, temperature 277K
;
_exptl_crystal_grow.pdbx_pH_range   . 
# 
loop_
_exptl_crystal_grow_comp.crystal_id 
_exptl_crystal_grow_comp.id 
_exptl_crystal_grow_comp.sol_id 
_exptl_crystal_grow_comp.name 
_exptl_crystal_grow_comp.volume 
_exptl_crystal_grow_comp.conc 
_exptl_crystal_grow_comp.details 
1 1 1 cacodylate ? ? ? 
1 2 1 CaCl2      ? ? ? 
1 3 1 LiCl       ? ? ? 
1 4 1 spermine   ? ? ? 
1 5 1 MPD        ? ? ? 
1 6 2 cacodylate ? ? ? 
1 7 2 CaCl2      ? ? ? 
1 8 2 LiCl       ? ? ? 
1 9 2 MPD        ? ? ? 
# 
_diffrn.id                     1 
_diffrn.ambient_temp           120 
_diffrn.ambient_temp_details   ? 
_diffrn.crystal_id             1 
# 
_diffrn_detector.diffrn_id              1 
_diffrn_detector.detector               CCD 
_diffrn_detector.type                   MARRESEARCH 
_diffrn_detector.pdbx_collection_date   2005-11-16 
_diffrn_detector.details                ? 
# 
_diffrn_radiation.diffrn_id                        1 
_diffrn_radiation.wavelength_id                    1 
_diffrn_radiation.pdbx_monochromatic_or_laue_m_l   M 
_diffrn_radiation.monochromator                    ? 
_diffrn_radiation.pdbx_diffrn_protocol             'SINGLE WAVELENGTH' 
_diffrn_radiation.pdbx_scattering_type             x-ray 
# 
_diffrn_radiation_wavelength.id           1 
_diffrn_radiation_wavelength.wavelength   0.9840 
_diffrn_radiation_wavelength.wt           1.0 
# 
_diffrn_source.diffrn_id                   1 
_diffrn_source.source                      SYNCHROTRON 
_diffrn_source.type                        'ESRF BEAMLINE BM16' 
_diffrn_source.pdbx_synchrotron_site       ESRF 
_diffrn_source.pdbx_synchrotron_beamline   BM16 
_diffrn_source.pdbx_wavelength             ? 
_diffrn_source.pdbx_wavelength_list        0.9840 
# 
_reflns.entry_id                     2G1Z 
_reflns.observed_criterion_sigma_I   ? 
_reflns.observed_criterion_sigma_F   ? 
_reflns.d_resolution_low             40 
_reflns.d_resolution_high            3.1 
_reflns.number_obs                   1284 
_reflns.number_all                   1301 
_reflns.percent_possible_obs         98.8 
_reflns.pdbx_Rmerge_I_obs            0.032 
_reflns.pdbx_Rsym_value              0.062 
_reflns.pdbx_netI_over_sigmaI        ? 
_reflns.B_iso_Wilson_estimate        ? 
_reflns.pdbx_redundancy              ? 
_reflns.R_free_details               ? 
_reflns.pdbx_chi_squared             ? 
_reflns.pdbx_scaling_rejects         ? 
_reflns.pdbx_diffrn_id               1 
_reflns.pdbx_ordinal                 1 
# 
_reflns_shell.d_res_high             3.1 
_reflns_shell.d_res_low              3.21 
_reflns_shell.percent_possible_all   96.8 
_reflns_shell.Rmerge_I_obs           0.053 
_reflns_shell.pdbx_Rsym_value        0.165 
_reflns_shell.meanI_over_sigI_obs    ? 
_reflns_shell.pdbx_redundancy        ? 
_reflns_shell.percent_possible_obs   ? 
_reflns_shell.number_unique_all      ? 
_reflns_shell.number_measured_all    ? 
_reflns_shell.number_measured_obs    ? 
_reflns_shell.number_unique_obs      ? 
_reflns_shell.pdbx_chi_squared       ? 
_reflns_shell.pdbx_diffrn_id         ? 
_reflns_shell.pdbx_ordinal           1 
# 
_refine.entry_id                                 2G1Z 
_refine.ls_number_reflns_obs                     1139 
_refine.ls_number_reflns_all                     ? 
_refine.pdbx_ls_sigma_I                          ? 
_refine.pdbx_ls_sigma_F                          ? 
_refine.pdbx_data_cutoff_high_absF               ? 
_refine.pdbx_data_cutoff_low_absF                ? 
_refine.pdbx_data_cutoff_high_rms_absF           ? 
_refine.ls_d_res_low                             25.00 
_refine.ls_d_res_high                            3.11 
_refine.ls_percent_reflns_obs                    98.29 
_refine.ls_R_factor_obs                          0.29132 
_refine.ls_R_factor_all                          ? 
_refine.ls_R_factor_R_work                       0.28185 
_refine.ls_R_factor_R_free                       0.3796 
_refine.ls_R_factor_R_free_error                 ? 
_refine.ls_R_factor_R_free_error_details         ? 
_refine.ls_percent_reflns_R_free                 10.1 
_refine.ls_number_reflns_R_free                  128 
_refine.ls_number_parameters                     ? 
_refine.ls_number_restraints                     ? 
_refine.occupancy_min                            ? 
_refine.occupancy_max                            ? 
_refine.correlation_coeff_Fo_to_Fc               0.966 
_refine.correlation_coeff_Fo_to_Fc_free          0.935 
_refine.B_iso_mean                               54.625 
_refine.aniso_B[1][1]                            8.73 
_refine.aniso_B[2][2]                            8.73 
_refine.aniso_B[3][3]                            -13.10 
_refine.aniso_B[1][2]                            4.37 
_refine.aniso_B[1][3]                            0.00 
_refine.aniso_B[2][3]                            0.00 
_refine.solvent_model_details                    'BABINET MODEL WITH MASK' 
_refine.solvent_model_param_ksol                 ? 
_refine.solvent_model_param_bsol                 ? 
_refine.pdbx_solvent_vdw_probe_radii             1.40 
_refine.pdbx_solvent_ion_probe_radii             0.80 
_refine.pdbx_solvent_shrinkage_radii             0.80 
_refine.pdbx_ls_cross_valid_method               THROUGHOUT 
_refine.details                                  ? 
_refine.pdbx_starting_model                      ? 
_refine.pdbx_method_to_determine_struct          SAD 
_refine.pdbx_isotropic_thermal_model             ? 
_refine.pdbx_stereochemistry_target_values       'MAXIMUM LIKELIHOOD' 
_refine.pdbx_stereochem_target_val_spec_case     ? 
_refine.pdbx_R_Free_selection_details            RANDOM 
_refine.pdbx_overall_ESU_R                       ? 
_refine.pdbx_overall_ESU_R_Free                  0.691 
_refine.overall_SU_ML                            0.408 
_refine.overall_SU_B                             24.117 
_refine.ls_redundancy_reflns_obs                 ? 
_refine.overall_SU_R_Cruickshank_DPI             ? 
_refine.overall_SU_R_free                        ? 
_refine.ls_wR_factor_R_free                      ? 
_refine.ls_wR_factor_R_work                      ? 
_refine.overall_FOM_free_R_set                   ? 
_refine.overall_FOM_work_R_set                   ? 
_refine.pdbx_refine_id                           'X-RAY DIFFRACTION' 
_refine.pdbx_overall_phase_error                 ? 
_refine.pdbx_TLS_residual_ADP_flag               UNVERIFIED 
_refine.pdbx_diffrn_id                           1 
_refine.pdbx_overall_SU_R_free_Cruickshank_DPI   ? 
_refine.pdbx_overall_SU_R_Blow_DPI               ? 
_refine.pdbx_overall_SU_R_free_Blow_DPI          ? 
# 
_refine_hist.pdbx_refine_id                   'X-RAY DIFFRACTION' 
_refine_hist.cycle_id                         LAST 
_refine_hist.pdbx_number_atoms_protein        0 
_refine_hist.pdbx_number_atoms_nucleic_acid   360 
_refine_hist.pdbx_number_atoms_ligand         0 
_refine_hist.number_atoms_solvent             0 
_refine_hist.number_atoms_total               360 
_refine_hist.d_res_high                       3.11 
_refine_hist.d_res_low                        25.00 
# 
loop_
_refine_ls_restr.type 
_refine_ls_restr.dev_ideal 
_refine_ls_restr.dev_ideal_target 
_refine_ls_restr.weight 
_refine_ls_restr.number 
_refine_ls_restr.pdbx_refine_id 
_refine_ls_restr.pdbx_restraint_function 
r_bond_refined_d             0.009 0.021 ? 402 'X-RAY DIFFRACTION' ? 
r_bond_other_d               ?     ?     ? ?   'X-RAY DIFFRACTION' ? 
r_angle_refined_deg          1.835 3.000 ? 615 'X-RAY DIFFRACTION' ? 
r_angle_other_deg            ?     ?     ? ?   'X-RAY DIFFRACTION' ? 
r_dihedral_angle_1_deg       ?     ?     ? ?   'X-RAY DIFFRACTION' ? 
r_dihedral_angle_2_deg       ?     ?     ? ?   'X-RAY DIFFRACTION' ? 
r_dihedral_angle_3_deg       ?     ?     ? ?   'X-RAY DIFFRACTION' ? 
r_dihedral_angle_4_deg       ?     ?     ? ?   'X-RAY DIFFRACTION' ? 
r_chiral_restr               0.076 0.200 ? 54  'X-RAY DIFFRACTION' ? 
r_gen_planes_refined         0.004 0.020 ? 189 'X-RAY DIFFRACTION' ? 
r_gen_planes_other           ?     ?     ? ?   'X-RAY DIFFRACTION' ? 
r_nbd_refined                0.208 0.200 ? 136 'X-RAY DIFFRACTION' ? 
r_nbd_other                  ?     ?     ? ?   'X-RAY DIFFRACTION' ? 
r_nbtor_refined              ?     ?     ? ?   'X-RAY DIFFRACTION' ? 
r_nbtor_other                ?     ?     ? ?   'X-RAY DIFFRACTION' ? 
r_xyhbond_nbd_refined        ?     ?     ? ?   'X-RAY DIFFRACTION' ? 
r_xyhbond_nbd_other          ?     ?     ? ?   'X-RAY DIFFRACTION' ? 
r_metal_ion_refined          ?     ?     ? ?   'X-RAY DIFFRACTION' ? 
r_metal_ion_other            ?     ?     ? ?   'X-RAY DIFFRACTION' ? 
r_symmetry_vdw_refined       0.236 0.200 ? 30  'X-RAY DIFFRACTION' ? 
r_symmetry_vdw_other         ?     ?     ? ?   'X-RAY DIFFRACTION' ? 
r_symmetry_hbond_refined     ?     ?     ? ?   'X-RAY DIFFRACTION' ? 
r_symmetry_hbond_other       ?     ?     ? ?   'X-RAY DIFFRACTION' ? 
r_symmetry_metal_ion_refined ?     ?     ? ?   'X-RAY DIFFRACTION' ? 
r_symmetry_metal_ion_other   ?     ?     ? ?   'X-RAY DIFFRACTION' ? 
r_mcbond_it                  ?     ?     ? ?   'X-RAY DIFFRACTION' ? 
r_mcbond_other               ?     ?     ? ?   'X-RAY DIFFRACTION' ? 
r_mcangle_it                 ?     ?     ? ?   'X-RAY DIFFRACTION' ? 
r_scbond_it                  0.814 3.000 ? 402 'X-RAY DIFFRACTION' ? 
r_scangle_it                 1.331 4.500 ? 615 'X-RAY DIFFRACTION' ? 
r_rigid_bond_restr           ?     ?     ? ?   'X-RAY DIFFRACTION' ? 
r_sphericity_free            ?     ?     ? ?   'X-RAY DIFFRACTION' ? 
r_sphericity_bonded          ?     ?     ? ?   'X-RAY DIFFRACTION' ? 
# 
_refine_ls_shell.pdbx_total_number_of_bins_used   20 
_refine_ls_shell.d_res_high                       3.108 
_refine_ls_shell.d_res_low                        3.187 
_refine_ls_shell.number_reflns_R_work             81 
_refine_ls_shell.R_factor_R_work                  0.257 
_refine_ls_shell.percent_reflns_obs               ? 
_refine_ls_shell.R_factor_R_free                  0.806 
_refine_ls_shell.R_factor_R_free_error            ? 
_refine_ls_shell.percent_reflns_R_free            ? 
_refine_ls_shell.number_reflns_R_free             8 
_refine_ls_shell.number_reflns_all                ? 
_refine_ls_shell.R_factor_all                     ? 
_refine_ls_shell.number_reflns_obs                ? 
_refine_ls_shell.redundancy_reflns_obs            ? 
_refine_ls_shell.pdbx_refine_id                   'X-RAY DIFFRACTION' 
# 
_struct.entry_id                  2G1Z 
_struct.title                     'X-ray structure of the oligonucleotide sequence d(AAATTT)' 
_struct.pdbx_model_details        ? 
_struct.pdbx_CASP_flag            ? 
_struct.pdbx_model_type_details   ? 
# 
_struct_keywords.entry_id        2G1Z 
_struct_keywords.pdbx_keywords   DNA 
_struct_keywords.text            'oligonucleotide, adenine, thymine, DNA' 
# 
loop_
_struct_asym.id 
_struct_asym.pdbx_blank_PDB_chainid_flag 
_struct_asym.pdbx_modified 
_struct_asym.entity_id 
_struct_asym.details 
A N N 1 ? 
B N N 1 ? 
C N N 1 ? 
# 
_struct_ref.id                         1 
_struct_ref.entity_id                  1 
_struct_ref.db_name                    PDB 
_struct_ref.db_code                    2G1Z 
_struct_ref.pdbx_db_accession          2G1Z 
_struct_ref.pdbx_align_begin           ? 
_struct_ref.pdbx_seq_one_letter_code   ? 
_struct_ref.pdbx_db_isoform            ? 
# 
loop_
_struct_ref_seq.align_id 
_struct_ref_seq.ref_id 
_struct_ref_seq.pdbx_PDB_id_code 
_struct_ref_seq.pdbx_strand_id 
_struct_ref_seq.seq_align_beg 
_struct_ref_seq.pdbx_seq_align_beg_ins_code 
_struct_ref_seq.seq_align_end 
_struct_ref_seq.pdbx_seq_align_end_ins_code 
_struct_ref_seq.pdbx_db_accession 
_struct_ref_seq.db_align_beg 
_struct_ref_seq.pdbx_db_align_beg_ins_code 
_struct_ref_seq.db_align_end 
_struct_ref_seq.pdbx_db_align_end_ins_code 
_struct_ref_seq.pdbx_auth_seq_align_beg 
_struct_ref_seq.pdbx_auth_seq_align_end 
1 1 2G1Z A 1 ? 6 ? 2G1Z 1 ? 6  ? 1 6  
2 1 2G1Z C 1 ? 6 ? 2G1Z 7 ? 12 ? 7 12 
3 1 2G1Z B 1 ? 6 ? 2G1Z 1 ? 6  ? 1 6  
# 
loop_
_pdbx_struct_assembly.id 
_pdbx_struct_assembly.details 
_pdbx_struct_assembly.method_details 
_pdbx_struct_assembly.oligomeric_details 
_pdbx_struct_assembly.oligomeric_count 
1 author_defined_assembly ? dimeric 2 
2 author_defined_assembly ? dimeric 2 
# 
loop_
_pdbx_struct_assembly_gen.assembly_id 
_pdbx_struct_assembly_gen.oper_expression 
_pdbx_struct_assembly_gen.asym_id_list 
1 1   A,B 
2 1,2 C   
# 
loop_
_pdbx_struct_oper_list.id 
_pdbx_struct_oper_list.type 
_pdbx_struct_oper_list.name 
_pdbx_struct_oper_list.symmetry_operation 
_pdbx_struct_oper_list.matrix[1][1] 
_pdbx_struct_oper_list.matrix[1][2] 
_pdbx_struct_oper_list.matrix[1][3] 
_pdbx_struct_oper_list.vector[1] 
_pdbx_struct_oper_list.matrix[2][1] 
_pdbx_struct_oper_list.matrix[2][2] 
_pdbx_struct_oper_list.matrix[2][3] 
_pdbx_struct_oper_list.vector[2] 
_pdbx_struct_oper_list.matrix[3][1] 
_pdbx_struct_oper_list.matrix[3][2] 
_pdbx_struct_oper_list.matrix[3][3] 
_pdbx_struct_oper_list.vector[3] 
1 'identity operation'         1_555  x,y,z                  1.0000000000  0.0000000000  0.0000000000 0.0000000000  0.0000000000  1.0000000000  0.0000000000  0.0000000000  0.0000000000 0.0000000000  1.0000000000 0.0000000000 
2 'crystal symmetry operation' 12_555 -x+2/3,-x+y+1/3,-z+1/3 -0.9974248422 -0.0297687019 0.0652495870 13.6358871694 -0.0297687019 -0.6558752239 -0.7542821190 21.2535597322 0.0652495870 -0.7542821190 0.6533000661 9.1583157688 
# 
_struct_biol.id   1 
# 
loop_
_struct_conn.id 
_struct_conn.conn_type_id 
_struct_conn.pdbx_leaving_atom_flag 
_struct_conn.pdbx_PDB_id 
_struct_conn.ptnr1_label_asym_id 
_struct_conn.ptnr1_label_comp_id 
_struct_conn.ptnr1_label_seq_id 
_struct_conn.ptnr1_label_atom_id 
_struct_conn.pdbx_ptnr1_label_alt_id 
_struct_conn.pdbx_ptnr1_PDB_ins_code 
_struct_conn.pdbx_ptnr1_standard_comp_id 
_struct_conn.ptnr1_symmetry 
_struct_conn.ptnr2_label_asym_id 
_struct_conn.ptnr2_label_comp_id 
_struct_conn.ptnr2_label_seq_id 
_struct_conn.ptnr2_label_atom_id 
_struct_conn.pdbx_ptnr2_label_alt_id 
_struct_conn.pdbx_ptnr2_PDB_ins_code 
_struct_conn.ptnr1_auth_asym_id 
_struct_conn.ptnr1_auth_comp_id 
_struct_conn.ptnr1_auth_seq_id 
_struct_conn.ptnr2_auth_asym_id 
_struct_conn.ptnr2_auth_comp_id 
_struct_conn.ptnr2_auth_seq_id 
_struct_conn.ptnr2_symmetry 
_struct_conn.pdbx_ptnr3_label_atom_id 
_struct_conn.pdbx_ptnr3_label_seq_id 
_struct_conn.pdbx_ptnr3_label_comp_id 
_struct_conn.pdbx_ptnr3_label_asym_id 
_struct_conn.pdbx_ptnr3_label_alt_id 
_struct_conn.pdbx_ptnr3_PDB_ins_code 
_struct_conn.details 
_struct_conn.pdbx_dist_value 
_struct_conn.pdbx_value_order 
_struct_conn.pdbx_role 
hydrog1  hydrog ? ? A DA 1 N1 ? ? ? 1_555 B DT 6 N3 ? ? A DA 1 C DT 12 1_555 ? ? ? ? ? ? WATSON-CRICK ? ? ? 
hydrog2  hydrog ? ? A DA 1 N6 ? ? ? 1_555 B DT 6 O4 ? ? A DA 1 C DT 12 1_555 ? ? ? ? ? ? WATSON-CRICK ? ? ? 
hydrog3  hydrog ? ? A DA 2 N1 ? ? ? 1_555 B DT 5 N3 ? ? A DA 2 C DT 11 1_555 ? ? ? ? ? ? WATSON-CRICK ? ? ? 
hydrog4  hydrog ? ? A DA 2 N6 ? ? ? 1_555 B DT 5 O4 ? ? A DA 2 C DT 11 1_555 ? ? ? ? ? ? WATSON-CRICK ? ? ? 
hydrog5  hydrog ? ? A DA 3 N1 ? ? ? 1_555 B DT 4 N3 ? ? A DA 3 C DT 10 1_555 ? ? ? ? ? ? WATSON-CRICK ? ? ? 
hydrog6  hydrog ? ? A DA 3 N6 ? ? ? 1_555 B DT 4 O4 ? ? A DA 3 C DT 10 1_555 ? ? ? ? ? ? WATSON-CRICK ? ? ? 
hydrog7  hydrog ? ? A DT 4 N3 ? ? ? 1_555 B DA 3 N1 ? ? A DT 4 C DA 9  1_555 ? ? ? ? ? ? WATSON-CRICK ? ? ? 
hydrog8  hydrog ? ? A DT 4 O4 ? ? ? 1_555 B DA 3 N6 ? ? A DT 4 C DA 9  1_555 ? ? ? ? ? ? WATSON-CRICK ? ? ? 
hydrog9  hydrog ? ? A DT 5 N3 ? ? ? 1_555 B DA 2 N1 ? ? A DT 5 C DA 8  1_555 ? ? ? ? ? ? WATSON-CRICK ? ? ? 
hydrog10 hydrog ? ? A DT 5 O4 ? ? ? 1_555 B DA 2 N6 ? ? A DT 5 C DA 8  1_555 ? ? ? ? ? ? WATSON-CRICK ? ? ? 
hydrog11 hydrog ? ? A DT 6 N3 ? ? ? 1_555 B DA 1 N1 ? ? A DT 6 C DA 7  1_555 ? ? ? ? ? ? WATSON-CRICK ? ? ? 
hydrog12 hydrog ? ? A DT 6 O4 ? ? ? 1_555 B DA 1 N6 ? ? A DT 6 C DA 7  1_555 ? ? ? ? ? ? WATSON-CRICK ? ? ? 
# 
_struct_conn_type.id          hydrog 
_struct_conn_type.criteria    ? 
_struct_conn_type.reference   ? 
# 
loop_
_pdbx_validate_rmsd_angle.id 
_pdbx_validate_rmsd_angle.PDB_model_num 
_pdbx_validate_rmsd_angle.auth_atom_id_1 
_pdbx_validate_rmsd_angle.auth_asym_id_1 
_pdbx_validate_rmsd_angle.auth_comp_id_1 
_pdbx_validate_rmsd_angle.auth_seq_id_1 
_pdbx_validate_rmsd_angle.PDB_ins_code_1 
_pdbx_validate_rmsd_angle.label_alt_id_1 
_pdbx_validate_rmsd_angle.auth_atom_id_2 
_pdbx_validate_rmsd_angle.auth_asym_id_2 
_pdbx_validate_rmsd_angle.auth_comp_id_2 
_pdbx_validate_rmsd_angle.auth_seq_id_2 
_pdbx_validate_rmsd_angle.PDB_ins_code_2 
_pdbx_validate_rmsd_angle.label_alt_id_2 
_pdbx_validate_rmsd_angle.auth_atom_id_3 
_pdbx_validate_rmsd_angle.auth_asym_id_3 
_pdbx_validate_rmsd_angle.auth_comp_id_3 
_pdbx_validate_rmsd_angle.auth_seq_id_3 
_pdbx_validate_rmsd_angle.PDB_ins_code_3 
_pdbx_validate_rmsd_angle.label_alt_id_3 
_pdbx_validate_rmsd_angle.angle_value 
_pdbx_validate_rmsd_angle.angle_target_value 
_pdbx_validate_rmsd_angle.angle_deviation 
_pdbx_validate_rmsd_angle.angle_standard_deviation 
_pdbx_validate_rmsd_angle.linker_flag 
1 1 "O4'" A DT 6  ? ? "C1'" A DT 6  ? ? N1    A DT 6  ? ? 110.50 108.30 2.20  0.30 N 
2 1 "C3'" C DA 7  ? ? "C2'" C DA 7  ? ? "C1'" C DA 7  ? ? 97.45  102.40 -4.95 0.80 N 
3 1 "C3'" C DA 8  ? ? "C2'" C DA 8  ? ? "C1'" C DA 8  ? ? 96.27  102.40 -6.13 0.80 N 
4 1 "O4'" C DT 10 ? ? "C1'" C DT 10 ? ? N1    C DT 10 ? ? 110.95 108.30 2.65  0.30 N 
5 1 "O4'" B DA 1  ? ? "C4'" B DA 1  ? ? "C3'" B DA 1  ? ? 101.62 104.50 -2.88 0.40 N 
6 1 "C3'" B DA 1  ? ? "C2'" B DA 1  ? ? "C1'" B DA 1  ? ? 96.98  102.40 -5.42 0.80 N 
7 1 "O4'" B DT 6  ? ? "C1'" B DT 6  ? ? N1    B DT 6  ? ? 111.69 108.30 3.39  0.30 N 
# 
loop_
_pdbx_refine_tls.id 
_pdbx_refine_tls.details 
_pdbx_refine_tls.method 
_pdbx_refine_tls.origin_x 
_pdbx_refine_tls.origin_y 
_pdbx_refine_tls.origin_z 
_pdbx_refine_tls.T[1][1] 
_pdbx_refine_tls.T[2][2] 
_pdbx_refine_tls.T[3][3] 
_pdbx_refine_tls.T[1][2] 
_pdbx_refine_tls.T[1][3] 
_pdbx_refine_tls.T[2][3] 
_pdbx_refine_tls.L[1][1] 
_pdbx_refine_tls.L[2][2] 
_pdbx_refine_tls.L[3][3] 
_pdbx_refine_tls.L[1][2] 
_pdbx_refine_tls.L[1][3] 
_pdbx_refine_tls.L[2][3] 
_pdbx_refine_tls.S[1][1] 
_pdbx_refine_tls.S[1][2] 
_pdbx_refine_tls.S[1][3] 
_pdbx_refine_tls.S[2][1] 
_pdbx_refine_tls.S[2][2] 
_pdbx_refine_tls.S[2][3] 
_pdbx_refine_tls.S[3][1] 
_pdbx_refine_tls.S[3][2] 
_pdbx_refine_tls.S[3][3] 
_pdbx_refine_tls.pdbx_refine_id 
1 ? refined -10.0405 -22.0384 -9.1730 0.0910 0.0911 0.0436 0.0288  -0.0008 0.0180 5.8059 7.7992 3.9212 1.1431 1.6093 0.3214  0.1605  0.0802 -0.0303 0.0291  0.0033  0.0037  -0.0240 -0.0223 -0.1638 'X-RAY DIFFRACTION' 
2 ? refined 55.3141  49.5933  17.5042 0.0550 0.1573 0.0938 -0.0063 -0.0707 0.0297 3.6655 1.8002 4.4666 3.7508 0.9131 -2.5956 -0.1810 0.2915 -0.0621 -0.5368 -0.0628 -0.2751 -0.2764 0.0439  0.2438  'X-RAY DIFFRACTION' 
# 
loop_
_pdbx_refine_tls_group.id 
_pdbx_refine_tls_group.refine_tls_id 
_pdbx_refine_tls_group.beg_auth_asym_id 
_pdbx_refine_tls_group.beg_auth_seq_id 
_pdbx_refine_tls_group.beg_label_asym_id 
_pdbx_refine_tls_group.beg_label_seq_id 
_pdbx_refine_tls_group.end_auth_asym_id 
_pdbx_refine_tls_group.end_auth_seq_id 
_pdbx_refine_tls_group.end_label_asym_id 
_pdbx_refine_tls_group.end_label_seq_id 
_pdbx_refine_tls_group.selection 
_pdbx_refine_tls_group.pdbx_refine_id 
_pdbx_refine_tls_group.selection_details 
1 1 A 1 A 1 C 12 B 6 ? 'X-RAY DIFFRACTION' ? 
2 2 B 1 C 1 B 6  C 6 ? 'X-RAY DIFFRACTION' ? 
# 
loop_
_chem_comp_atom.comp_id 
_chem_comp_atom.atom_id 
_chem_comp_atom.type_symbol 
_chem_comp_atom.pdbx_aromatic_flag 
_chem_comp_atom.pdbx_stereo_config 
_chem_comp_atom.pdbx_ordinal 
DA OP3    O N N 1  
DA P      P N N 2  
DA OP1    O N N 3  
DA OP2    O N N 4  
DA "O5'"  O N N 5  
DA "C5'"  C N N 6  
DA "C4'"  C N R 7  
DA "O4'"  O N N 8  
DA "C3'"  C N S 9  
DA "O3'"  O N N 10 
DA "C2'"  C N N 11 
DA "C1'"  C N R 12 
DA N9     N Y N 13 
DA C8     C Y N 14 
DA N7     N Y N 15 
DA C5     C Y N 16 
DA C6     C Y N 17 
DA N6     N N N 18 
DA N1     N Y N 19 
DA C2     C Y N 20 
DA N3     N Y N 21 
DA C4     C Y N 22 
DA HOP3   H N N 23 
DA HOP2   H N N 24 
DA "H5'"  H N N 25 
DA "H5''" H N N 26 
DA "H4'"  H N N 27 
DA "H3'"  H N N 28 
DA "HO3'" H N N 29 
DA "H2'"  H N N 30 
DA "H2''" H N N 31 
DA "H1'"  H N N 32 
DA H8     H N N 33 
DA H61    H N N 34 
DA H62    H N N 35 
DA H2     H N N 36 
DT OP3    O N N 37 
DT P      P N N 38 
DT OP1    O N N 39 
DT OP2    O N N 40 
DT "O5'"  O N N 41 
DT "C5'"  C N N 42 
DT "C4'"  C N R 43 
DT "O4'"  O N N 44 
DT "C3'"  C N S 45 
DT "O3'"  O N N 46 
DT "C2'"  C N N 47 
DT "C1'"  C N R 48 
DT N1     N N N 49 
DT C2     C N N 50 
DT O2     O N N 51 
DT N3     N N N 52 
DT C4     C N N 53 
DT O4     O N N 54 
DT C5     C N N 55 
DT C7     C N N 56 
DT C6     C N N 57 
DT HOP3   H N N 58 
DT HOP2   H N N 59 
DT "H5'"  H N N 60 
DT "H5''" H N N 61 
DT "H4'"  H N N 62 
DT "H3'"  H N N 63 
DT "HO3'" H N N 64 
DT "H2'"  H N N 65 
DT "H2''" H N N 66 
DT "H1'"  H N N 67 
DT H3     H N N 68 
DT H71    H N N 69 
DT H72    H N N 70 
DT H73    H N N 71 
DT H6     H N N 72 
# 
loop_
_chem_comp_bond.comp_id 
_chem_comp_bond.atom_id_1 
_chem_comp_bond.atom_id_2 
_chem_comp_bond.value_order 
_chem_comp_bond.pdbx_aromatic_flag 
_chem_comp_bond.pdbx_stereo_config 
_chem_comp_bond.pdbx_ordinal 
DA OP3   P      sing N N 1  
DA OP3   HOP3   sing N N 2  
DA P     OP1    doub N N 3  
DA P     OP2    sing N N 4  
DA P     "O5'"  sing N N 5  
DA OP2   HOP2   sing N N 6  
DA "O5'" "C5'"  sing N N 7  
DA "C5'" "C4'"  sing N N 8  
DA "C5'" "H5'"  sing N N 9  
DA "C5'" "H5''" sing N N 10 
DA "C4'" "O4'"  sing N N 11 
DA "C4'" "C3'"  sing N N 12 
DA "C4'" "H4'"  sing N N 13 
DA "O4'" "C1'"  sing N N 14 
DA "C3'" "O3'"  sing N N 15 
DA "C3'" "C2'"  sing N N 16 
DA "C3'" "H3'"  sing N N 17 
DA "O3'" "HO3'" sing N N 18 
DA "C2'" "C1'"  sing N N 19 
DA "C2'" "H2'"  sing N N 20 
DA "C2'" "H2''" sing N N 21 
DA "C1'" N9     sing N N 22 
DA "C1'" "H1'"  sing N N 23 
DA N9    C8     sing Y N 24 
DA N9    C4     sing Y N 25 
DA C8    N7     doub Y N 26 
DA C8    H8     sing N N 27 
DA N7    C5     sing Y N 28 
DA C5    C6     sing Y N 29 
DA C5    C4     doub Y N 30 
DA C6    N6     sing N N 31 
DA C6    N1     doub Y N 32 
DA N6    H61    sing N N 33 
DA N6    H62    sing N N 34 
DA N1    C2     sing Y N 35 
DA C2    N3     doub Y N 36 
DA C2    H2     sing N N 37 
DA N3    C4     sing Y N 38 
DT OP3   P      sing N N 39 
DT OP3   HOP3   sing N N 40 
DT P     OP1    doub N N 41 
DT P     OP2    sing N N 42 
DT P     "O5'"  sing N N 43 
DT OP2   HOP2   sing N N 44 
DT "O5'" "C5'"  sing N N 45 
DT "C5'" "C4'"  sing N N 46 
DT "C5'" "H5'"  sing N N 47 
DT "C5'" "H5''" sing N N 48 
DT "C4'" "O4'"  sing N N 49 
DT "C4'" "C3'"  sing N N 50 
DT "C4'" "H4'"  sing N N 51 
DT "O4'" "C1'"  sing N N 52 
DT "C3'" "O3'"  sing N N 53 
DT "C3'" "C2'"  sing N N 54 
DT "C3'" "H3'"  sing N N 55 
DT "O3'" "HO3'" sing N N 56 
DT "C2'" "C1'"  sing N N 57 
DT "C2'" "H2'"  sing N N 58 
DT "C2'" "H2''" sing N N 59 
DT "C1'" N1     sing N N 60 
DT "C1'" "H1'"  sing N N 61 
DT N1    C2     sing N N 62 
DT N1    C6     sing N N 63 
DT C2    O2     doub N N 64 
DT C2    N3     sing N N 65 
DT N3    C4     sing N N 66 
DT N3    H3     sing N N 67 
DT C4    O4     doub N N 68 
DT C4    C5     sing N N 69 
DT C5    C7     sing N N 70 
DT C5    C6     doub N N 71 
DT C7    H71    sing N N 72 
DT C7    H72    sing N N 73 
DT C7    H73    sing N N 74 
DT C6    H6     sing N N 75 
# 
_ndb_struct_conf_na.entry_id   2G1Z 
_ndb_struct_conf_na.feature    'b-form double helix' 
# 
loop_
_ndb_struct_na_base_pair.model_number 
_ndb_struct_na_base_pair.i_label_asym_id 
_ndb_struct_na_base_pair.i_label_comp_id 
_ndb_struct_na_base_pair.i_label_seq_id 
_ndb_struct_na_base_pair.i_symmetry 
_ndb_struct_na_base_pair.j_label_asym_id 
_ndb_struct_na_base_pair.j_label_comp_id 
_ndb_struct_na_base_pair.j_label_seq_id 
_ndb_struct_na_base_pair.j_symmetry 
_ndb_struct_na_base_pair.shear 
_ndb_struct_na_base_pair.stretch 
_ndb_struct_na_base_pair.stagger 
_ndb_struct_na_base_pair.buckle 
_ndb_struct_na_base_pair.propeller 
_ndb_struct_na_base_pair.opening 
_ndb_struct_na_base_pair.pair_number 
_ndb_struct_na_base_pair.pair_name 
_ndb_struct_na_base_pair.i_auth_asym_id 
_ndb_struct_na_base_pair.i_auth_seq_id 
_ndb_struct_na_base_pair.i_PDB_ins_code 
_ndb_struct_na_base_pair.j_auth_asym_id 
_ndb_struct_na_base_pair.j_auth_seq_id 
_ndb_struct_na_base_pair.j_PDB_ins_code 
_ndb_struct_na_base_pair.hbond_type_28 
_ndb_struct_na_base_pair.hbond_type_12 
1 A DA 1 1_555 B DT 6 1_555 -0.694 -0.226 -0.038 1.230  -11.545 -1.103 1 A_DA1:DT12_C A 1 ? C 12 ? 20 1 
1 A DA 2 1_555 B DT 5 1_555 -0.385 -0.057 0.290  4.329  -7.234  -5.197 2 A_DA2:DT11_C A 2 ? C 11 ? 20 1 
1 A DA 3 1_555 B DT 4 1_555 0.208  -0.087 0.477  7.281  -9.027  -7.845 3 A_DA3:DT10_C A 3 ? C 10 ? 20 1 
1 A DT 4 1_555 B DA 3 1_555 0.020  -0.074 0.198  -0.417 -8.902  -1.750 4 A_DT4:DA9_C  A 4 ? C 9  ? 20 1 
1 A DT 5 1_555 B DA 2 1_555 0.536  -0.082 0.592  -6.315 -8.362  -6.065 5 A_DT5:DA8_C  A 5 ? C 8  ? 20 1 
1 A DT 6 1_555 B DA 1 1_555 0.756  -0.210 0.111  -5.586 -13.839 -7.067 6 A_DT6:DA7_C  A 6 ? C 7  ? 20 1 
# 
loop_
_ndb_struct_na_base_pair_step.model_number 
_ndb_struct_na_base_pair_step.i_label_asym_id_1 
_ndb_struct_na_base_pair_step.i_label_comp_id_1 
_ndb_struct_na_base_pair_step.i_label_seq_id_1 
_ndb_struct_na_base_pair_step.i_symmetry_1 
_ndb_struct_na_base_pair_step.j_label_asym_id_1 
_ndb_struct_na_base_pair_step.j_label_comp_id_1 
_ndb_struct_na_base_pair_step.j_label_seq_id_1 
_ndb_struct_na_base_pair_step.j_symmetry_1 
_ndb_struct_na_base_pair_step.i_label_asym_id_2 
_ndb_struct_na_base_pair_step.i_label_comp_id_2 
_ndb_struct_na_base_pair_step.i_label_seq_id_2 
_ndb_struct_na_base_pair_step.i_symmetry_2 
_ndb_struct_na_base_pair_step.j_label_asym_id_2 
_ndb_struct_na_base_pair_step.j_label_comp_id_2 
_ndb_struct_na_base_pair_step.j_label_seq_id_2 
_ndb_struct_na_base_pair_step.j_symmetry_2 
_ndb_struct_na_base_pair_step.shift 
_ndb_struct_na_base_pair_step.slide 
_ndb_struct_na_base_pair_step.rise 
_ndb_struct_na_base_pair_step.tilt 
_ndb_struct_na_base_pair_step.roll 
_ndb_struct_na_base_pair_step.twist 
_ndb_struct_na_base_pair_step.x_displacement 
_ndb_struct_na_base_pair_step.y_displacement 
_ndb_struct_na_base_pair_step.helical_rise 
_ndb_struct_na_base_pair_step.inclination 
_ndb_struct_na_base_pair_step.tip 
_ndb_struct_na_base_pair_step.helical_twist 
_ndb_struct_na_base_pair_step.step_number 
_ndb_struct_na_base_pair_step.step_name 
_ndb_struct_na_base_pair_step.i_auth_asym_id_1 
_ndb_struct_na_base_pair_step.i_auth_seq_id_1 
_ndb_struct_na_base_pair_step.i_PDB_ins_code_1 
_ndb_struct_na_base_pair_step.j_auth_asym_id_1 
_ndb_struct_na_base_pair_step.j_auth_seq_id_1 
_ndb_struct_na_base_pair_step.j_PDB_ins_code_1 
_ndb_struct_na_base_pair_step.i_auth_asym_id_2 
_ndb_struct_na_base_pair_step.i_auth_seq_id_2 
_ndb_struct_na_base_pair_step.i_PDB_ins_code_2 
_ndb_struct_na_base_pair_step.j_auth_asym_id_2 
_ndb_struct_na_base_pair_step.j_auth_seq_id_2 
_ndb_struct_na_base_pair_step.j_PDB_ins_code_2 
1 A DA 1 1_555 B DT 6 1_555 A DA 2 1_555 B DT 5 1_555 -0.371 -0.358 3.105 -4.093 -1.860 36.758 -0.325 0.058  3.141 -2.936 6.461  
37.023 1 AA_DA1DA2:DT11DT12_CC A 1 ? C 12 ? A 2 ? C 11 ? 
1 A DA 2 1_555 B DT 5 1_555 A DA 3 1_555 B DT 4 1_555 -0.232 -0.553 3.098 -1.843 -6.503 41.811 -0.126 0.140  3.152 -9.042 2.562  
42.329 2 AA_DA2DA3:DT10DT11_CC A 2 ? C 11 ? A 3 ? C 10 ? 
1 A DA 3 1_555 B DT 4 1_555 A DT 4 1_555 B DA 3 1_555 0.089  -1.078 3.468 1.657  -4.969 31.618 -0.980 0.163  3.591 -9.042 -3.015 
32.038 3 AA_DA3DT4:DA9DT10_CC  A 3 ? C 10 ? A 4 ? C 9  ? 
1 A DT 4 1_555 B DA 3 1_555 A DT 5 1_555 B DA 2 1_555 0.016  -0.535 3.300 -1.927 -3.506 39.616 -0.373 -0.251 3.329 -5.157 2.835  
39.810 4 AA_DT4DT5:DA8DA9_CC   A 4 ? C 9  ? A 5 ? C 8  ? 
1 A DT 5 1_555 B DA 2 1_555 A DT 6 1_555 B DA 1 1_555 0.040  -0.560 3.159 2.895  -5.557 40.001 -0.201 0.259  3.201 -8.063 -4.201 
40.469 5 AA_DT5DT6:DA7DA8_CC   A 5 ? C 8  ? A 6 ? C 7  ? 
# 
_atom_sites.entry_id                    2G1Z 
_atom_sites.fract_transf_matrix[1][1]   -0.02407169 
_atom_sites.fract_transf_matrix[1][2]   0.01027665 
_atom_sites.fract_transf_matrix[1][3]   0.00563850 
_atom_sites.fract_transf_matrix[2][1]   -0.01120382 
_atom_sites.fract_transf_matrix[2][2]   -0.00447973 
_atom_sites.fract_transf_matrix[2][3]   0.02390091 
_atom_sites.fract_transf_matrix[3][1]   0.00247096 
_atom_sites.fract_transf_matrix[3][2]   0.00467193 
_atom_sites.fract_transf_matrix[3][3]   0.00203395 
_atom_sites.fract_transf_vector[1]      0.362420 
_atom_sites.fract_transf_vector[2]      0.345617 
_atom_sites.fract_transf_vector[3]      0.090853 
# 
loop_
_atom_type.symbol 
C 
N 
O 
P 
# 
loop_
_atom_site.group_PDB 
_atom_site.id 
_atom_site.type_symbol 
_atom_site.label_atom_id 
_atom_site.label_alt_id 
_atom_site.label_comp_id 
_atom_site.label_asym_id 
_atom_site.label_entity_id 
_atom_site.label_seq_id 
_atom_site.pdbx_PDB_ins_code 
_atom_site.Cartn_x 
_atom_site.Cartn_y 
_atom_site.Cartn_z 
_atom_site.occupancy 
_atom_site.B_iso_or_equiv 
_atom_site.pdbx_formal_charge 
_atom_site.auth_seq_id 
_atom_site.auth_comp_id 
_atom_site.auth_asym_id 
_atom_site.auth_atom_id 
_atom_site.pdbx_PDB_model_num 
ATOM 1   O "O5'" . DA A 1 1 ? 5.427   -1.927  7.475   1.00 61.15 ? 1  DA A "O5'" 1 
ATOM 2   C "C5'" . DA A 1 1 ? 4.981   -1.266  8.667   1.00 60.61 ? 1  DA A "C5'" 1 
ATOM 3   C "C4'" . DA A 1 1 ? 3.486   -0.948  8.653   1.00 59.81 ? 1  DA A "C4'" 1 
ATOM 4   O "O4'" . DA A 1 1 ? 3.128   -0.253  7.430   1.00 59.59 ? 1  DA A "O4'" 1 
ATOM 5   C "C3'" . DA A 1 1 ? 2.497   -2.114  8.743   1.00 59.15 ? 1  DA A "C3'" 1 
ATOM 6   O "O3'" . DA A 1 1 ? 1.326   -1.633  9.431   1.00 59.69 ? 1  DA A "O3'" 1 
ATOM 7   C "C2'" . DA A 1 1 ? 2.251   -2.468  7.277   1.00 58.39 ? 1  DA A "C2'" 1 
ATOM 8   C "C1'" . DA A 1 1 ? 2.292   -1.080  6.630   1.00 58.36 ? 1  DA A "C1'" 1 
ATOM 9   N N9    . DA A 1 1 ? 2.819   -1.013  5.266   1.00 56.53 ? 1  DA A N9    1 
ATOM 10  C C8    . DA A 1 1 ? 3.964   -1.584  4.772   1.00 55.12 ? 1  DA A C8    1 
ATOM 11  N N7    . DA A 1 1 ? 4.172   -1.327  3.503   1.00 54.65 ? 1  DA A N7    1 
ATOM 12  C C5    . DA A 1 1 ? 3.092   -0.534  3.152   1.00 54.36 ? 1  DA A C5    1 
ATOM 13  C C6    . DA A 1 1 ? 2.711   0.072   1.955   1.00 52.78 ? 1  DA A C6    1 
ATOM 14  N N6    . DA A 1 1 ? 3.428   -0.055  0.853   1.00 52.04 ? 1  DA A N6    1 
ATOM 15  N N1    . DA A 1 1 ? 1.575   0.797   1.921   1.00 52.95 ? 1  DA A N1    1 
ATOM 16  C C2    . DA A 1 1 ? 0.845   0.921   3.026   1.00 53.27 ? 1  DA A C2    1 
ATOM 17  N N3    . DA A 1 1 ? 1.099   0.394   4.221   1.00 55.04 ? 1  DA A N3    1 
ATOM 18  C C4    . DA A 1 1 ? 2.244   -0.325  4.219   1.00 55.53 ? 1  DA A C4    1 
ATOM 19  P P     . DA A 1 2 ? -0.109  -2.363  9.430   1.00 60.53 ? 2  DA A P     1 
ATOM 20  O OP1   . DA A 1 2 ? -0.787  -2.021  10.709  1.00 59.61 ? 2  DA A OP1   1 
ATOM 21  O OP2   . DA A 1 2 ? 0.000   -3.763  8.957   1.00 60.58 ? 2  DA A OP2   1 
ATOM 22  O "O5'" . DA A 1 2 ? -0.824  -1.616  8.220   1.00 60.16 ? 2  DA A "O5'" 1 
ATOM 23  C "C5'" . DA A 1 2 ? -1.878  -0.703  8.447   1.00 58.27 ? 2  DA A "C5'" 1 
ATOM 24  C "C4'" . DA A 1 2 ? -2.756  -0.768  7.225   1.00 56.77 ? 2  DA A "C4'" 1 
ATOM 25  O "O4'" . DA A 1 2 ? -1.902  -0.818  6.052   1.00 56.06 ? 2  DA A "O4'" 1 
ATOM 26  C "C3'" . DA A 1 2 ? -3.659  -1.993  7.190   1.00 56.11 ? 2  DA A "C3'" 1 
ATOM 27  O "O3'" . DA A 1 2 ? -4.984  -1.463  7.070   1.00 56.65 ? 2  DA A "O3'" 1 
ATOM 28  C "C2'" . DA A 1 2 ? -3.107  -2.831  6.027   1.00 55.74 ? 2  DA A "C2'" 1 
ATOM 29  C "C1'" . DA A 1 2 ? -2.418  -1.778  5.158   1.00 55.26 ? 2  DA A "C1'" 1 
ATOM 30  N N9    . DA A 1 2 ? -1.310  -2.202  4.300   1.00 54.42 ? 2  DA A N9    1 
ATOM 31  C C8    . DA A 1 2 ? -0.209  -2.957  4.604   1.00 54.12 ? 2  DA A C8    1 
ATOM 32  N N7    . DA A 1 2 ? 0.615   -3.139  3.591   1.00 53.19 ? 2  DA A N7    1 
ATOM 33  C C5    . DA A 1 2 ? 0.019   -2.443  2.553   1.00 52.85 ? 2  DA A C5    1 
ATOM 34  C C6    . DA A 1 2 ? 0.359   -2.227  1.206   1.00 51.73 ? 2  DA A C6    1 
ATOM 35  N N6    . DA A 1 2 ? 1.441   -2.701  0.609   1.00 51.16 ? 2  DA A N6    1 
ATOM 36  N N1    . DA A 1 2 ? -0.461  -1.490  0.451   1.00 52.61 ? 2  DA A N1    1 
ATOM 37  C C2    . DA A 1 2 ? -1.563  -0.982  0.999   1.00 53.76 ? 2  DA A C2    1 
ATOM 38  N N3    . DA A 1 2 ? -2.003  -1.114  2.247   1.00 54.52 ? 2  DA A N3    1 
ATOM 39  C C4    . DA A 1 2 ? -1.160  -1.863  2.979   1.00 54.09 ? 2  DA A C4    1 
ATOM 40  P P     . DA A 1 3 ? -6.110  -1.981  6.058   1.00 58.05 ? 3  DA A P     1 
ATOM 41  O OP1   . DA A 1 3 ? -7.362  -1.236  6.353   1.00 56.95 ? 3  DA A OP1   1 
ATOM 42  O OP2   . DA A 1 3 ? -6.081  -3.465  6.057   1.00 58.00 ? 3  DA A OP2   1 
ATOM 43  O "O5'" . DA A 1 3 ? -5.547  -1.528  4.633   1.00 58.06 ? 3  DA A "O5'" 1 
ATOM 44  C "C5'" . DA A 1 3 ? -5.780  -0.231  4.127   1.00 57.81 ? 3  DA A "C5'" 1 
ATOM 45  C "C4'" . DA A 1 3 ? -6.350  -0.304  2.717   1.00 57.41 ? 3  DA A "C4'" 1 
ATOM 46  O "O4'" . DA A 1 3 ? -5.393  -0.869  1.782   1.00 57.08 ? 3  DA A "O4'" 1 
ATOM 47  C "C3'" . DA A 1 3 ? -7.600  -1.145  2.526   1.00 56.94 ? 3  DA A "C3'" 1 
ATOM 48  O "O3'" . DA A 1 3 ? -8.265  -0.548  1.421   1.00 57.53 ? 3  DA A "O3'" 1 
ATOM 49  C "C2'" . DA A 1 3 ? -7.016  -2.519  2.209   1.00 56.60 ? 3  DA A "C2'" 1 
ATOM 50  C "C1'" . DA A 1 3 ? -5.849  -2.125  1.310   1.00 56.44 ? 3  DA A "C1'" 1 
ATOM 51  N N9    . DA A 1 3 ? -4.688  -3.005  1.350   1.00 56.21 ? 3  DA A N9    1 
ATOM 52  C C8    . DA A 1 3 ? -4.217  -3.773  2.384   1.00 56.19 ? 3  DA A C8    1 
ATOM 53  N N7    . DA A 1 3 ? -3.124  -4.442  2.103   1.00 55.51 ? 3  DA A N7    1 
ATOM 54  C C5    . DA A 1 3 ? -2.868  -4.071  0.801   1.00 54.90 ? 3  DA A C5    1 
ATOM 55  C C6    . DA A 1 3 ? -1.855  -4.418  -0.083  1.00 55.08 ? 3  DA A C6    1 
ATOM 56  N N6    . DA A 1 3 ? -0.878  -5.256  0.240   1.00 54.59 ? 3  DA A N6    1 
ATOM 57  N N1    . DA A 1 3 ? -1.881  -3.872  -1.314  1.00 56.11 ? 3  DA A N1    1 
ATOM 58  C C2    . DA A 1 3 ? -2.857  -3.023  -1.637  1.00 55.70 ? 3  DA A C2    1 
ATOM 59  N N3    . DA A 1 3 ? -3.872  -2.618  -0.884  1.00 55.58 ? 3  DA A N3    1 
ATOM 60  C C4    . DA A 1 3 ? -3.810  -3.188  0.324   1.00 55.29 ? 3  DA A C4    1 
ATOM 61  P P     . DT A 1 4 ? -9.343  -1.307  0.512   1.00 58.03 ? 4  DT A P     1 
ATOM 62  O OP1   . DT A 1 4 ? -10.307 -0.265  0.082   1.00 57.94 ? 4  DT A OP1   1 
ATOM 63  O OP2   . DT A 1 4 ? -9.789  -2.562  1.184   1.00 57.37 ? 4  DT A OP2   1 
ATOM 64  O "O5'" . DT A 1 4 ? -8.474  -1.727  -0.751  1.00 57.60 ? 4  DT A "O5'" 1 
ATOM 65  C "C5'" . DT A 1 4 ? -8.072  -0.731  -1.661  1.00 57.00 ? 4  DT A "C5'" 1 
ATOM 66  C "C4'" . DT A 1 4 ? -7.643  -1.404  -2.944  1.00 56.47 ? 4  DT A "C4'" 1 
ATOM 67  O "O4'" . DT A 1 4 ? -6.513  -2.295  -2.698  1.00 55.99 ? 4  DT A "O4'" 1 
ATOM 68  C "C3'" . DT A 1 4 ? -8.735  -2.226  -3.602  1.00 55.44 ? 4  DT A "C3'" 1 
ATOM 69  O "O3'" . DT A 1 4 ? -8.651  -1.865  -4.960  1.00 55.84 ? 4  DT A "O3'" 1 
ATOM 70  C "C2'" . DT A 1 4 ? -8.301  -3.665  -3.297  1.00 54.94 ? 4  DT A "C2'" 1 
ATOM 71  C "C1'" . DT A 1 4 ? -6.776  -3.552  -3.285  1.00 54.33 ? 4  DT A "C1'" 1 
ATOM 72  N N1    . DT A 1 4 ? -5.994  -4.592  -2.519  1.00 53.01 ? 4  DT A N1    1 
ATOM 73  C C2    . DT A 1 4 ? -4.865  -5.157  -3.088  1.00 52.75 ? 4  DT A C2    1 
ATOM 74  O O2    . DT A 1 4 ? -4.442  -4.895  -4.187  1.00 54.50 ? 4  DT A O2    1 
ATOM 75  N N3    . DT A 1 4 ? -4.203  -6.070  -2.337  1.00 50.93 ? 4  DT A N3    1 
ATOM 76  C C4    . DT A 1 4 ? -4.540  -6.476  -1.086  1.00 50.43 ? 4  DT A C4    1 
ATOM 77  O O4    . DT A 1 4 ? -3.869  -7.311  -0.514  1.00 50.36 ? 4  DT A O4    1 
ATOM 78  C C5    . DT A 1 4 ? -5.713  -5.863  -0.524  1.00 51.05 ? 4  DT A C5    1 
ATOM 79  C C7    . DT A 1 4 ? -6.175  -6.242  0.851   1.00 51.46 ? 4  DT A C7    1 
ATOM 80  C C6    . DT A 1 4 ? -6.376  -4.956  -1.248  1.00 51.67 ? 4  DT A C6    1 
ATOM 81  P P     . DT A 1 5 ? -9.544  -2.559  -6.089  1.00 57.49 ? 5  DT A P     1 
ATOM 82  O OP1   . DT A 1 5 ? -10.012 -1.493  -7.011  1.00 57.30 ? 5  DT A OP1   1 
ATOM 83  O OP2   . DT A 1 5 ? -10.487 -3.502  -5.422  1.00 57.13 ? 5  DT A OP2   1 
ATOM 84  O "O5'" . DT A 1 5 ? -8.516  -3.429  -6.936  1.00 57.05 ? 5  DT A "O5'" 1 
ATOM 85  C "C5'" . DT A 1 5 ? -7.382  -2.805  -7.525  1.00 56.44 ? 5  DT A "C5'" 1 
ATOM 86  C "C4'" . DT A 1 5 ? -6.461  -3.882  -8.056  1.00 55.34 ? 5  DT A "C4'" 1 
ATOM 87  O "O4'" . DT A 1 5 ? -5.975  -4.710  -6.968  1.00 54.06 ? 5  DT A "O4'" 1 
ATOM 88  C "C3'" . DT A 1 5 ? -7.146  -4.819  -9.044  1.00 55.19 ? 5  DT A "C3'" 1 
ATOM 89  O "O3'" . DT A 1 5 ? -6.275  -4.958  -10.157 1.00 55.57 ? 5  DT A "O3'" 1 
ATOM 90  C "C2'" . DT A 1 5 ? -7.341  -6.121  -8.256  1.00 54.02 ? 5  DT A "C2'" 1 
ATOM 91  C "C1'" . DT A 1 5 ? -6.145  -6.076  -7.312  1.00 53.11 ? 5  DT A "C1'" 1 
ATOM 92  N N1    . DT A 1 5 ? -6.220  -6.894  -6.044  1.00 52.14 ? 5  DT A N1    1 
ATOM 93  C C2    . DT A 1 5 ? -5.245  -7.837  -5.831  1.00 51.59 ? 5  DT A C2    1 
ATOM 94  O O2    . DT A 1 5 ? -4.355  -8.049  -6.621  1.00 53.16 ? 5  DT A O2    1 
ATOM 95  N N3    . DT A 1 5 ? -5.337  -8.541  -4.669  1.00 50.50 ? 5  DT A N3    1 
ATOM 96  C C4    . DT A 1 5 ? -6.290  -8.395  -3.698  1.00 50.39 ? 5  DT A C4    1 
ATOM 97  O O4    . DT A 1 5 ? -6.298  -9.069  -2.687  1.00 49.69 ? 5  DT A O4    1 
ATOM 98  C C5    . DT A 1 5 ? -7.283  -7.396  -3.954  1.00 51.14 ? 5  DT A C5    1 
ATOM 99  C C7    . DT A 1 5 ? -8.366  -7.183  -2.940  1.00 51.77 ? 5  DT A C7    1 
ATOM 100 C C6    . DT A 1 5 ? -7.207  -6.693  -5.098  1.00 51.70 ? 5  DT A C6    1 
ATOM 101 P P     . DT A 1 6 ? -6.780  -5.437  -11.593 1.00 55.84 ? 6  DT A P     1 
ATOM 102 O OP1   . DT A 1 6 ? -6.140  -4.496  -12.543 1.00 56.57 ? 6  DT A OP1   1 
ATOM 103 O OP2   . DT A 1 6 ? -8.262  -5.573  -11.564 1.00 55.20 ? 6  DT A OP2   1 
ATOM 104 O "O5'" . DT A 1 6 ? -6.077  -6.873  -11.751 1.00 54.69 ? 6  DT A "O5'" 1 
ATOM 105 C "C5'" . DT A 1 6 ? -4.634  -6.943  -11.777 1.00 53.32 ? 6  DT A "C5'" 1 
ATOM 106 C "C4'" . DT A 1 6 ? -4.087  -8.302  -11.374 1.00 52.77 ? 6  DT A "C4'" 1 
ATOM 107 O "O4'" . DT A 1 6 ? -4.370  -8.547  -9.975  1.00 52.61 ? 6  DT A "O4'" 1 
ATOM 108 C "C3'" . DT A 1 6 ? -4.690  -9.483  -12.127 1.00 53.11 ? 6  DT A "C3'" 1 
ATOM 109 O "O3'" . DT A 1 6 ? -3.777  -9.998  -13.103 1.00 53.58 ? 6  DT A "O3'" 1 
ATOM 110 C "C2'" . DT A 1 6 ? -4.973  -10.529 -11.053 1.00 52.78 ? 6  DT A "C2'" 1 
ATOM 111 C "C1'" . DT A 1 6 ? -4.422  -9.939  -9.766  1.00 51.91 ? 6  DT A "C1'" 1 
ATOM 112 N N1    . DT A 1 6 ? -5.290  -10.262 -8.579  1.00 51.63 ? 6  DT A N1    1 
ATOM 113 C C2    . DT A 1 6 ? -4.826  -11.121 -7.600  1.00 50.79 ? 6  DT A C2    1 
ATOM 114 O O2    . DT A 1 6 ? -3.734  -11.651 -7.615  1.00 51.52 ? 6  DT A O2    1 
ATOM 115 N N3    . DT A 1 6 ? -5.687  -11.356 -6.576  1.00 50.11 ? 6  DT A N3    1 
ATOM 116 C C4    . DT A 1 6 ? -6.944  -10.842 -6.413  1.00 50.63 ? 6  DT A C4    1 
ATOM 117 O O4    . DT A 1 6 ? -7.619  -11.128 -5.439  1.00 50.85 ? 6  DT A O4    1 
ATOM 118 C C5    . DT A 1 6 ? -7.387  -9.956  -7.460  1.00 51.35 ? 6  DT A C5    1 
ATOM 119 C C7    . DT A 1 6 ? -8.746  -9.330  -7.400  1.00 51.18 ? 6  DT A C7    1 
ATOM 120 C C6    . DT A 1 6 ? -6.552  -9.709  -8.479  1.00 51.64 ? 6  DT A C6    1 
ATOM 121 O "O5'" . DA B 1 1 ? -3.304  -18.634 0.590   1.00 61.77 ? 7  DA C "O5'" 1 
ATOM 122 C "C5'" . DA B 1 1 ? -2.368  -19.487 -0.075  1.00 59.71 ? 7  DA C "C5'" 1 
ATOM 123 C "C4'" . DA B 1 1 ? -1.508  -18.722 -1.074  1.00 58.22 ? 7  DA C "C4'" 1 
ATOM 124 O "O4'" . DA B 1 1 ? -2.289  -17.774 -1.841  1.00 57.10 ? 7  DA C "O4'" 1 
ATOM 125 C "C3'" . DA B 1 1 ? -0.371  -17.891 -0.492  1.00 57.89 ? 7  DA C "C3'" 1 
ATOM 126 O "O3'" . DA B 1 1 ? 0.634   -17.876 -1.505  1.00 58.98 ? 7  DA C "O3'" 1 
ATOM 127 C "C2'" . DA B 1 1 ? -1.035  -16.533 -0.285  1.00 56.61 ? 7  DA C "C2'" 1 
ATOM 128 C "C1'" . DA B 1 1 ? -1.777  -16.470 -1.616  1.00 56.23 ? 7  DA C "C1'" 1 
ATOM 129 N N9    . DA B 1 1 ? -2.896  -15.544 -1.763  1.00 54.99 ? 7  DA C N9    1 
ATOM 130 C C8    . DA B 1 1 ? -3.872  -15.196 -0.870  1.00 53.64 ? 7  DA C C8    1 
ATOM 131 N N7    . DA B 1 1 ? -4.737  -14.338 -1.357  1.00 53.12 ? 7  DA C N7    1 
ATOM 132 C C5    . DA B 1 1 ? -4.302  -14.123 -2.654  1.00 53.62 ? 7  DA C C5    1 
ATOM 133 C C6    . DA B 1 1 ? -4.761  -13.328 -3.718  1.00 53.41 ? 7  DA C C6    1 
ATOM 134 N N6    . DA B 1 1 ? -5.836  -12.548 -3.643  1.00 53.65 ? 7  DA C N6    1 
ATOM 135 N N1    . DA B 1 1 ? -4.078  -13.346 -4.882  1.00 53.81 ? 7  DA C N1    1 
ATOM 136 C C2    . DA B 1 1 ? -2.997  -14.109 -5.000  1.00 53.65 ? 7  DA C C2    1 
ATOM 137 N N3    . DA B 1 1 ? -2.466  -14.896 -4.071  1.00 54.52 ? 7  DA C N3    1 
ATOM 138 C C4    . DA B 1 1 ? -3.170  -14.858 -2.919  1.00 54.62 ? 7  DA C C4    1 
ATOM 139 P P     . DA B 1 2 ? 2.019   -17.096 -1.338  1.00 60.02 ? 8  DA C P     1 
ATOM 140 O OP1   . DA B 1 2 ? 3.092   -18.118 -1.457  1.00 59.06 ? 8  DA C OP1   1 
ATOM 141 O OP2   . DA B 1 2 ? 1.908   -16.197 -0.154  1.00 59.76 ? 8  DA C OP2   1 
ATOM 142 O "O5'" . DA B 1 2 ? 2.070   -16.114 -2.597  1.00 58.37 ? 8  DA C "O5'" 1 
ATOM 143 C "C5'" . DA B 1 2 ? 2.101   -16.562 -3.938  1.00 56.99 ? 8  DA C "C5'" 1 
ATOM 144 C "C4'" . DA B 1 2 ? 2.132   -15.334 -4.844  1.00 56.66 ? 8  DA C "C4'" 1 
ATOM 145 O "O4'" . DA B 1 2 ? 0.948   -14.517 -4.649  1.00 56.36 ? 8  DA C "O4'" 1 
ATOM 146 C "C3'" . DA B 1 2 ? 3.278   -14.354 -4.615  1.00 56.34 ? 8  DA C "C3'" 1 
ATOM 147 O "O3'" . DA B 1 2 ? 3.563   -13.681 -5.844  1.00 56.03 ? 8  DA C "O3'" 1 
ATOM 148 C "C2'" . DA B 1 2 ? 2.680   -13.393 -3.587  1.00 55.78 ? 8  DA C "C2'" 1 
ATOM 149 C "C1'" . DA B 1 2 ? 1.348   -13.206 -4.290  1.00 55.05 ? 8  DA C "C1'" 1 
ATOM 150 N N9    . DA B 1 2 ? 0.254   -12.655 -3.515  1.00 53.76 ? 8  DA C N9    1 
ATOM 151 C C8    . DA B 1 2 ? -0.102  -12.902 -2.221  1.00 53.90 ? 8  DA C C8    1 
ATOM 152 N N7    . DA B 1 2 ? -1.177  -12.252 -1.837  1.00 53.53 ? 8  DA C N7    1 
ATOM 153 C C5    . DA B 1 2 ? -1.538  -11.550 -2.967  1.00 52.55 ? 8  DA C C5    1 
ATOM 154 C C6    . DA B 1 2 ? -2.583  -10.674 -3.241  1.00 51.52 ? 8  DA C C6    1 
ATOM 155 N N6    . DA B 1 2 ? -3.500  -10.325 -2.358  1.00 51.35 ? 8  DA C N6    1 
ATOM 156 N N1    . DA B 1 2 ? -2.657  -10.144 -4.464  1.00 52.26 ? 8  DA C N1    1 
ATOM 157 C C2    . DA B 1 2 ? -1.748  -10.484 -5.369  1.00 52.93 ? 8  DA C C2    1 
ATOM 158 N N3    . DA B 1 2 ? -0.708  -11.297 -5.236  1.00 53.24 ? 8  DA C N3    1 
ATOM 159 C C4    . DA B 1 2 ? -0.673  -11.794 -4.002  1.00 53.00 ? 8  DA C C4    1 
ATOM 160 P P     . DA B 1 3 ? 4.813   -12.686 -5.908  1.00 57.01 ? 9  DA C P     1 
ATOM 161 O OP1   . DA B 1 3 ? 5.803   -13.316 -6.818  1.00 56.80 ? 9  DA C OP1   1 
ATOM 162 O OP2   . DA B 1 3 ? 5.187   -12.274 -4.525  1.00 56.68 ? 9  DA C OP2   1 
ATOM 163 O "O5'" . DA B 1 3 ? 4.253   -11.370 -6.608  1.00 56.48 ? 9  DA C "O5'" 1 
ATOM 164 C "C5'" . DA B 1 3 ? 3.770   -11.438 -7.932  1.00 56.39 ? 9  DA C "C5'" 1 
ATOM 165 C "C4'" . DA B 1 3 ? 2.946   -10.198 -8.201  1.00 56.28 ? 9  DA C "C4'" 1 
ATOM 166 O "O4'" . DA B 1 3 ? 1.879   -10.069 -7.221  1.00 55.45 ? 9  DA C "O4'" 1 
ATOM 167 C "C3'" . DA B 1 3 ? 3.756   -8.913  -8.136  1.00 56.59 ? 9  DA C "C3'" 1 
ATOM 168 O "O3'" . DA B 1 3 ? 3.237   -8.058  -9.142  1.00 58.38 ? 9  DA C "O3'" 1 
ATOM 169 C "C2'" . DA B 1 3 ? 3.442   -8.398  -6.736  1.00 56.04 ? 9  DA C "C2'" 1 
ATOM 170 C "C1'" . DA B 1 3 ? 1.968   -8.778  -6.645  1.00 55.36 ? 9  DA C "C1'" 1 
ATOM 171 N N9    . DA B 1 3 ? 1.412   -8.803  -5.294  1.00 54.65 ? 9  DA C N9    1 
ATOM 172 C C8    . DA B 1 3 ? 1.881   -9.470  -4.206  1.00 55.00 ? 9  DA C C8    1 
ATOM 173 N N7    . DA B 1 3 ? 1.159   -9.313  -3.125  1.00 54.85 ? 9  DA C N7    1 
ATOM 174 C C5    . DA B 1 3 ? 0.151   -8.491  -3.545  1.00 53.86 ? 9  DA C C5    1 
ATOM 175 C C6    . DA B 1 3 ? -0.939  -7.952  -2.883  1.00 54.09 ? 9  DA C C6    1 
ATOM 176 N N6    . DA B 1 3 ? -1.184  -8.186  -1.603  1.00 54.18 ? 9  DA C N6    1 
ATOM 177 N N1    . DA B 1 3 ? -1.776  -7.164  -3.573  1.00 55.51 ? 9  DA C N1    1 
ATOM 178 C C2    . DA B 1 3 ? -1.536  -6.933  -4.856  1.00 55.01 ? 9  DA C C2    1 
ATOM 179 N N3    . DA B 1 3 ? -0.530  -7.391  -5.588  1.00 55.31 ? 9  DA C N3    1 
ATOM 180 C C4    . DA B 1 3 ? 0.283   -8.165  -4.863  1.00 54.33 ? 9  DA C C4    1 
ATOM 181 P P     . DT B 1 4 ? 4.008   -6.752  -9.653  1.00 59.34 ? 10 DT C P     1 
ATOM 182 O OP1   . DT B 1 4 ? 4.799   -7.138  -10.852 1.00 59.33 ? 10 DT C OP1   1 
ATOM 183 O OP2   . DT B 1 4 ? 4.635   -6.119  -8.459  1.00 59.82 ? 10 DT C OP2   1 
ATOM 184 O "O5'" . DT B 1 4 ? 2.844   -5.772  -10.138 1.00 58.18 ? 10 DT C "O5'" 1 
ATOM 185 C "C5'" . DT B 1 4 ? 1.492   -6.092  -9.828  1.00 57.29 ? 10 DT C "C5'" 1 
ATOM 186 C "C4'" . DT B 1 4 ? 0.856   -4.997  -8.995  1.00 55.91 ? 10 DT C "C4'" 1 
ATOM 187 O "O4'" . DT B 1 4 ? 0.716   -5.418  -7.615  1.00 55.11 ? 10 DT C "O4'" 1 
ATOM 188 C "C3'" . DT B 1 4 ? 1.614   -3.668  -8.985  1.00 55.34 ? 10 DT C "C3'" 1 
ATOM 189 O "O3'" . DT B 1 4 ? 0.671   -2.682  -9.368  1.00 55.10 ? 10 DT C "O3'" 1 
ATOM 190 C "C2'" . DT B 1 4 ? 2.070   -3.530  -7.532  1.00 54.59 ? 10 DT C "C2'" 1 
ATOM 191 C "C1'" . DT B 1 4 ? 0.918   -4.249  -6.847  1.00 54.26 ? 10 DT C "C1'" 1 
ATOM 192 N N1    . DT B 1 4 ? 1.083   -4.580  -5.407  1.00 53.32 ? 10 DT C N1    1 
ATOM 193 C C2    . DT B 1 4 ? 0.131   -4.101  -4.553  1.00 53.56 ? 10 DT C C2    1 
ATOM 194 O O2    . DT B 1 4 ? -0.809  -3.429  -4.908  1.00 55.42 ? 10 DT C O2    1 
ATOM 195 N N3    . DT B 1 4 ? 0.297   -4.424  -3.250  1.00 53.62 ? 10 DT C N3    1 
ATOM 196 C C4    . DT B 1 4 ? 1.309   -5.176  -2.719  1.00 54.21 ? 10 DT C C4    1 
ATOM 197 O O4    . DT B 1 4 ? 1.360   -5.393  -1.517  1.00 54.90 ? 10 DT C O4    1 
ATOM 198 C C5    . DT B 1 4 ? 2.283   -5.667  -3.660  1.00 53.86 ? 10 DT C C5    1 
ATOM 199 C C7    . DT B 1 4 ? 3.436   -6.496  -3.179  1.00 53.49 ? 10 DT C C7    1 
ATOM 200 C C6    . DT B 1 4 ? 2.129   -5.349  -4.950  1.00 53.58 ? 10 DT C C6    1 
ATOM 201 P P     . DT B 1 5 ? 1.066   -1.230  -9.905  1.00 55.11 ? 11 DT C P     1 
ATOM 202 O OP1   . DT B 1 5 ? 0.519   -1.109  -11.276 1.00 55.34 ? 11 DT C OP1   1 
ATOM 203 O OP2   . DT B 1 5 ? 2.506   -0.973  -9.661  1.00 54.94 ? 11 DT C OP2   1 
ATOM 204 O "O5'" . DT B 1 5 ? 0.167   -0.327  -8.936  1.00 54.19 ? 11 DT C "O5'" 1 
ATOM 205 C "C5'" . DT B 1 5 ? -1.230  -0.622  -8.840  1.00 52.84 ? 11 DT C "C5'" 1 
ATOM 206 C "C4'" . DT B 1 5 ? -1.820  -0.057  -7.569  1.00 52.60 ? 11 DT C "C4'" 1 
ATOM 207 O "O4'" . DT B 1 5 ? -1.320  -0.752  -6.398  1.00 51.91 ? 11 DT C "O4'" 1 
ATOM 208 C "C3'" . DT B 1 5 ? -1.490  1.408   -7.350  1.00 53.23 ? 11 DT C "C3'" 1 
ATOM 209 O "O3'" . DT B 1 5 ? -2.682  2.072   -7.023  1.00 54.92 ? 11 DT C "O3'" 1 
ATOM 210 C "C2'" . DT B 1 5 ? -0.502  1.418   -6.183  1.00 52.25 ? 11 DT C "C2'" 1 
ATOM 211 C "C1'" . DT B 1 5 ? -0.975  0.205   -5.403  1.00 51.32 ? 11 DT C "C1'" 1 
ATOM 212 N N1    . DT B 1 5 ? 0.022   -0.407  -4.470  1.00 50.39 ? 11 DT C N1    1 
ATOM 213 C C2    . DT B 1 5 ? -0.295  -0.551  -3.141  1.00 49.97 ? 11 DT C C2    1 
ATOM 214 O O2    . DT B 1 5 ? -1.344  -0.198  -2.656  1.00 50.68 ? 11 DT C O2    1 
ATOM 215 N N3    . DT B 1 5 ? 0.663   -1.135  -2.373  1.00 49.61 ? 11 DT C N3    1 
ATOM 216 C C4    . DT B 1 5 ? 1.886   -1.592  -2.782  1.00 49.86 ? 11 DT C C4    1 
ATOM 217 O O4    . DT B 1 5 ? 2.669   -2.103  -1.996  1.00 50.00 ? 11 DT C O4    1 
ATOM 218 C C5    . DT B 1 5 ? 2.169   -1.421  -4.181  1.00 50.36 ? 11 DT C C5    1 
ATOM 219 C C7    . DT B 1 5 ? 3.476   -1.870  -4.757  1.00 51.00 ? 11 DT C C7    1 
ATOM 220 C C6    . DT B 1 5 ? 1.238   -0.847  -4.950  1.00 50.57 ? 11 DT C C6    1 
ATOM 221 P P     . DT B 1 6 ? -2.739  3.664   -7.139  1.00 57.10 ? 12 DT C P     1 
ATOM 222 O OP1   . DT B 1 6 ? -3.986  4.000   -7.870  1.00 57.67 ? 12 DT C OP1   1 
ATOM 223 O OP2   . DT B 1 6 ? -1.422  4.147   -7.637  1.00 57.12 ? 12 DT C OP2   1 
ATOM 224 O "O5'" . DT B 1 6 ? -2.928  4.121   -5.624  1.00 56.47 ? 12 DT C "O5'" 1 
ATOM 225 C "C5'" . DT B 1 6 ? -3.945  3.486   -4.854  1.00 55.98 ? 12 DT C "C5'" 1 
ATOM 226 C "C4'" . DT B 1 6 ? -3.695  3.725   -3.385  1.00 55.27 ? 12 DT C "C4'" 1 
ATOM 227 O "O4'" . DT B 1 6 ? -2.616  2.853   -2.992  1.00 54.82 ? 12 DT C "O4'" 1 
ATOM 228 C "C3'" . DT B 1 6 ? -3.225  5.144   -3.089  1.00 55.24 ? 12 DT C "C3'" 1 
ATOM 229 O "O3'" . DT B 1 6 ? -4.278  5.911   -2.497  1.00 55.10 ? 12 DT C "O3'" 1 
ATOM 230 C "C2'" . DT B 1 6 ? -2.023  4.972   -2.152  1.00 55.24 ? 12 DT C "C2'" 1 
ATOM 231 C "C1'" . DT B 1 6 ? -1.906  3.466   -1.940  1.00 54.67 ? 12 DT C "C1'" 1 
ATOM 232 N N1    . DT B 1 6 ? -0.503  2.912   -1.918  1.00 55.02 ? 12 DT C N1    1 
ATOM 233 C C2    . DT B 1 6 ? -0.065  2.269   -0.774  1.00 54.89 ? 12 DT C C2    1 
ATOM 234 O O2    . DT B 1 6 ? -0.751  2.147   0.228   1.00 55.98 ? 12 DT C O2    1 
ATOM 235 N N3    . DT B 1 6 ? 1.218   1.784   -0.832  1.00 53.77 ? 12 DT C N3    1 
ATOM 236 C C4    . DT B 1 6 ? 2.084   1.863   -1.894  1.00 53.79 ? 12 DT C C4    1 
ATOM 237 O O4    . DT B 1 6 ? 3.212   1.399   -1.861  1.00 53.09 ? 12 DT C O4    1 
ATOM 238 C C5    . DT B 1 6 ? 1.570   2.537   -3.055  1.00 54.73 ? 12 DT C C5    1 
ATOM 239 C C7    . DT B 1 6 ? 2.447   2.669   -4.265  1.00 55.60 ? 12 DT C C7    1 
ATOM 240 C C6    . DT B 1 6 ? 0.319   3.022   -3.022  1.00 54.57 ? 12 DT C C6    1 
ATOM 241 O "O5'" . DA C 1 1 ? 2.001   5.870   -6.736  1.00 54.92 ? 1  DA B "O5'" 1 
ATOM 242 C "C5'" . DA C 1 1 ? 0.641   5.469   -6.530  1.00 55.58 ? 1  DA B "C5'" 1 
ATOM 243 C "C4'" . DA C 1 1 ? -0.101  6.207   -5.401  1.00 56.31 ? 1  DA B "C4'" 1 
ATOM 244 O "O4'" . DA C 1 1 ? 0.312   5.789   -4.071  1.00 56.48 ? 1  DA B "O4'" 1 
ATOM 245 C "C3'" . DA C 1 1 ? 0.008   7.723   -5.294  1.00 56.52 ? 1  DA B "C3'" 1 
ATOM 246 O "O3'" . DA C 1 1 ? -1.116  8.179   -4.535  1.00 57.23 ? 1  DA B "O3'" 1 
ATOM 247 C "C2'" . DA C 1 1 ? 1.302   7.875   -4.499  1.00 55.97 ? 1  DA B "C2'" 1 
ATOM 248 C "C1'" . DA C 1 1 ? 0.971   6.855   -3.409  1.00 55.82 ? 1  DA B "C1'" 1 
ATOM 249 N N9    . DA C 1 1 ? 2.080   6.218   -2.725  1.00 55.01 ? 1  DA B N9    1 
ATOM 250 C C8    . DA C 1 1 ? 3.358   6.019   -3.170  1.00 54.74 ? 1  DA B C8    1 
ATOM 251 N N7    . DA C 1 1 ? 4.116   5.380   -2.315  1.00 54.72 ? 1  DA B N7    1 
ATOM 252 C C5    . DA C 1 1 ? 3.264   5.149   -1.253  1.00 54.74 ? 1  DA B C5    1 
ATOM 253 C C6    . DA C 1 1 ? 3.439   4.519   -0.023  1.00 54.09 ? 1  DA B C6    1 
ATOM 254 N N6    . DA C 1 1 ? 4.604   4.001   0.325   1.00 54.90 ? 1  DA B N6    1 
ATOM 255 N N1    . DA C 1 1 ? 2.403   4.443   0.829   1.00 53.92 ? 1  DA B N1    1 
ATOM 256 C C2    . DA C 1 1 ? 1.240   4.974   0.471   1.00 54.08 ? 1  DA B C2    1 
ATOM 257 N N3    . DA C 1 1 ? 0.949   5.598   -0.667  1.00 55.40 ? 1  DA B N3    1 
ATOM 258 C C4    . DA C 1 1 ? 2.010   5.650   -1.487  1.00 55.04 ? 1  DA B C4    1 
ATOM 259 P P     . DA C 1 2 ? -1.302  9.750   -4.296  1.00 58.64 ? 2  DA B P     1 
ATOM 260 O OP1   . DA C 1 2 ? -2.477  10.157  -5.103  1.00 58.25 ? 2  DA B OP1   1 
ATOM 261 O OP2   . DA C 1 2 ? 0.036   10.392  -4.461  1.00 58.49 ? 2  DA B OP2   1 
ATOM 262 O "O5'" . DA C 1 2 ? -1.676  9.941   -2.758  1.00 57.56 ? 2  DA B "O5'" 1 
ATOM 263 C "C5'" . DA C 1 2 ? -2.610  9.112   -2.111  1.00 56.90 ? 2  DA B "C5'" 1 
ATOM 264 C "C4'" . DA C 1 2 ? -2.279  9.138   -0.633  1.00 56.35 ? 2  DA B "C4'" 1 
ATOM 265 O "O4'" . DA C 1 2 ? -0.991  8.506   -0.417  1.00 55.63 ? 2  DA B "O4'" 1 
ATOM 266 C "C3'" . DA C 1 2 ? -2.167  10.535  -0.024  1.00 56.38 ? 2  DA B "C3'" 1 
ATOM 267 O "O3'" . DA C 1 2 ? -2.835  10.506  1.245   1.00 57.27 ? 2  DA B "O3'" 1 
ATOM 268 C "C2'" . DA C 1 2 ? -0.652  10.756  0.073   1.00 55.70 ? 2  DA B "C2'" 1 
ATOM 269 C "C1'" . DA C 1 2 ? -0.225  9.340   0.440   1.00 55.31 ? 2  DA B "C1'" 1 
ATOM 270 N N9    . DA C 1 2 ? 1.190   8.975   0.306   1.00 54.42 ? 2  DA B N9    1 
ATOM 271 C C8    . DA C 1 2 ? 2.044   9.179   -0.740  1.00 54.39 ? 2  DA B C8    1 
ATOM 272 N N7    . DA C 1 2 ? 3.252   8.695   -0.551  1.00 53.77 ? 2  DA B N7    1 
ATOM 273 C C5    . DA C 1 2 ? 3.178   8.128   0.706   1.00 52.84 ? 2  DA B C5    1 
ATOM 274 C C6    . DA C 1 2 ? 4.099   7.451   1.509   1.00 51.77 ? 2  DA B C6    1 
ATOM 275 N N6    . DA C 1 2 ? 5.355   7.212   1.171   1.00 51.63 ? 2  DA B N6    1 
ATOM 276 N N1    . DA C 1 2 ? 3.711   7.021   2.708   1.00 52.41 ? 2  DA B N1    1 
ATOM 277 C C2    . DA C 1 2 ? 2.464   7.244   3.094   1.00 53.30 ? 2  DA B C2    1 
ATOM 278 N N3    . DA C 1 2 ? 1.501   7.868   2.432   1.00 54.28 ? 2  DA B N3    1 
ATOM 279 C C4    . DA C 1 2 ? 1.926   8.291   1.237   1.00 53.64 ? 2  DA B C4    1 
ATOM 280 P P     . DA C 1 3 ? -3.101  11.821  2.131   1.00 58.53 ? 3  DA B P     1 
ATOM 281 O OP1   . DA C 1 3 ? -4.564  12.064  2.228   1.00 57.42 ? 3  DA B OP1   1 
ATOM 282 O OP2   . DA C 1 3 ? -2.141  12.883  1.731   1.00 58.79 ? 3  DA B OP2   1 
ATOM 283 O "O5'" . DA C 1 3 ? -2.590  11.406  3.570   1.00 58.45 ? 3  DA B "O5'" 1 
ATOM 284 C "C5'" . DA C 1 3 ? -2.959  10.186  4.169   1.00 58.66 ? 3  DA B "C5'" 1 
ATOM 285 C "C4'" . DA C 1 3 ? -2.039  10.050  5.360   1.00 58.48 ? 3  DA B "C4'" 1 
ATOM 286 O "O4'" . DA C 1 3 ? -0.704  9.729   4.896   1.00 57.59 ? 3  DA B "O4'" 1 
ATOM 287 C "C3'" . DA C 1 3 ? -1.930  11.344  6.165   1.00 58.58 ? 3  DA B "C3'" 1 
ATOM 288 O "O3'" . DA C 1 3 ? -2.124  11.009  7.545   1.00 59.58 ? 3  DA B "O3'" 1 
ATOM 289 C "C2'" . DA C 1 3 ? -0.554  11.909  5.786   1.00 57.57 ? 3  DA B "C2'" 1 
ATOM 290 C "C1'" . DA C 1 3 ? 0.214   10.633  5.473   1.00 56.99 ? 3  DA B "C1'" 1 
ATOM 291 N N9    . DA C 1 3 ? 1.310   10.761  4.528   1.00 56.50 ? 3  DA B N9    1 
ATOM 292 C C8    . DA C 1 3 ? 1.331   11.395  3.321   1.00 56.66 ? 3  DA B C8    1 
ATOM 293 N N7    . DA C 1 3 ? 2.485   11.306  2.696   1.00 56.07 ? 3  DA B N7    1 
ATOM 294 C C5    . DA C 1 3 ? 3.253   10.560  3.554   1.00 54.88 ? 3  DA B C5    1 
ATOM 295 C C6    . DA C 1 3 ? 4.564   10.113  3.489   1.00 54.58 ? 3  DA B C6    1 
ATOM 296 N N6    . DA C 1 3 ? 5.364   10.371  2.469   1.00 54.94 ? 3  DA B N6    1 
ATOM 297 N N1    . DA C 1 3 ? 5.038   9.391   4.506   1.00 55.58 ? 3  DA B N1    1 
ATOM 298 C C2    . DA C 1 3 ? 4.245   9.120   5.538   1.00 55.77 ? 3  DA B C2    1 
ATOM 299 N N3    . DA C 1 3 ? 2.984   9.489   5.717   1.00 56.15 ? 3  DA B N3    1 
ATOM 300 C C4    . DA C 1 3 ? 2.552   10.213  4.679   1.00 55.73 ? 3  DA B C4    1 
ATOM 301 P P     . DT C 1 4 ? -1.488  11.876  8.726   1.00 60.40 ? 4  DT B P     1 
ATOM 302 O OP1   . DT C 1 4 ? -2.073  11.397  10.006  1.00 59.83 ? 4  DT B OP1   1 
ATOM 303 O OP2   . DT C 1 4 ? -1.606  13.296  8.304   1.00 60.32 ? 4  DT B OP2   1 
ATOM 304 O "O5'" . DT C 1 4 ? 0.061   11.465  8.687   1.00 59.09 ? 4  DT B "O5'" 1 
ATOM 305 C "C5'" . DT C 1 4 ? 0.450   10.121  8.937   1.00 57.06 ? 4  DT B "C5'" 1 
ATOM 306 C "C4'" . DT C 1 4 ? 1.728   10.101  9.741   1.00 55.98 ? 4  DT B "C4'" 1 
ATOM 307 O "O4'" . DT C 1 4 ? 2.881   10.123  8.855   1.00 55.40 ? 4  DT B "O4'" 1 
ATOM 308 C "C3'" . DT C 1 4 ? 1.893   11.255  10.714  1.00 55.34 ? 4  DT B "C3'" 1 
ATOM 309 O "O3'" . DT C 1 4 ? 2.384   10.669  11.911  1.00 56.12 ? 4  DT B "O3'" 1 
ATOM 310 C "C2'" . DT C 1 4 ? 2.876   12.185  9.995   1.00 54.63 ? 4  DT B "C2'" 1 
ATOM 311 C "C1'" . DT C 1 4 ? 3.715   11.227  9.150   1.00 54.05 ? 4  DT B "C1'" 1 
ATOM 312 N N1    . DT C 1 4 ? 4.227   11.798  7.847   1.00 53.07 ? 4  DT B N1    1 
ATOM 313 C C2    . DT C 1 4 ? 5.506   11.498  7.422   1.00 52.81 ? 4  DT B C2    1 
ATOM 314 O O2    . DT C 1 4 ? 6.293   10.789  8.011   1.00 54.17 ? 4  DT B O2    1 
ATOM 315 N N3    . DT C 1 4 ? 5.871   12.053  6.240   1.00 52.29 ? 4  DT B N3    1 
ATOM 316 C C4    . DT C 1 4 ? 5.119   12.865  5.435   1.00 52.58 ? 4  DT B C4    1 
ATOM 317 O O4    . DT C 1 4 ? 5.572   13.309  4.383   1.00 52.44 ? 4  DT B O4    1 
ATOM 318 C C5    . DT C 1 4 ? 3.792   13.147  5.922   1.00 52.39 ? 4  DT B C5    1 
ATOM 319 C C7    . DT C 1 4 ? 2.873   14.028  5.135   1.00 52.38 ? 4  DT B C7    1 
ATOM 320 C C6    . DT C 1 4 ? 3.413   12.607  7.085   1.00 52.29 ? 4  DT B C6    1 
ATOM 321 P P     . DT C 1 5 ? 3.233   11.462  13.014  1.00 56.89 ? 5  DT B P     1 
ATOM 322 O OP1   . DT C 1 5 ? 3.242   10.633  14.237  1.00 56.83 ? 5  DT B OP1   1 
ATOM 323 O OP2   . DT C 1 5 ? 2.759   12.874  13.049  1.00 56.58 ? 5  DT B OP2   1 
ATOM 324 O "O5'" . DT C 1 5 ? 4.716   11.411  12.426  1.00 57.32 ? 5  DT B "O5'" 1 
ATOM 325 C "C5'" . DT C 1 5 ? 5.436   10.186  12.455  1.00 57.26 ? 5  DT B "C5'" 1 
ATOM 326 C "C4'" . DT C 1 5 ? 6.922   10.428  12.253  1.00 57.00 ? 5  DT B "C4'" 1 
ATOM 327 O "O4'" . DT C 1 5 ? 7.176   11.064  10.968  1.00 56.09 ? 5  DT B "O4'" 1 
ATOM 328 C "C3'" . DT C 1 5 ? 7.601   11.310  13.284  1.00 56.94 ? 5  DT B "C3'" 1 
ATOM 329 O "O3'" . DT C 1 5 ? 8.892   10.771  13.466  1.00 58.74 ? 5  DT B "O3'" 1 
ATOM 330 C "C2'" . DT C 1 5 ? 7.640   12.674  12.594  1.00 55.99 ? 5  DT B "C2'" 1 
ATOM 331 C "C1'" . DT C 1 5 ? 7.907   12.262  11.150  1.00 54.70 ? 5  DT B "C1'" 1 
ATOM 332 N N1    . DT C 1 5 ? 7.483   13.213  10.054  1.00 53.23 ? 5  DT B N1    1 
ATOM 333 C C2    . DT C 1 5 ? 8.331   13.412  8.989   1.00 52.36 ? 5  DT B C2    1 
ATOM 334 O O2    . DT C 1 5 ? 9.416   12.879  8.899   1.00 53.04 ? 5  DT B O2    1 
ATOM 335 N N3    . DT C 1 5 ? 7.875   14.270  8.029   1.00 50.88 ? 5  DT B N3    1 
ATOM 336 C C4    . DT C 1 5 ? 6.678   14.929  8.011   1.00 50.08 ? 5  DT B C4    1 
ATOM 337 O O4    . DT C 1 5 ? 6.360   15.680  7.107   1.00 49.07 ? 5  DT B O4    1 
ATOM 338 C C5    . DT C 1 5 ? 5.832   14.679  9.138   1.00 51.24 ? 5  DT B C5    1 
ATOM 339 C C7    . DT C 1 5 ? 4.500   15.359  9.217   1.00 52.83 ? 5  DT B C7    1 
ATOM 340 C C6    . DT C 1 5 ? 6.258   13.843  10.092  1.00 52.04 ? 5  DT B C6    1 
ATOM 341 P P     . DT C 1 6 ? 9.807   11.243  14.691  1.00 61.15 ? 6  DT B P     1 
ATOM 342 O OP1   . DT C 1 6 ? 10.308  10.001  15.346  1.00 61.70 ? 6  DT B OP1   1 
ATOM 343 O OP2   . DT C 1 6 ? 9.038   12.260  15.467  1.00 61.06 ? 6  DT B OP2   1 
ATOM 344 O "O5'" . DT C 1 6 ? 11.062  11.970  14.018  1.00 59.29 ? 6  DT B "O5'" 1 
ATOM 345 C "C5'" . DT C 1 6 ? 12.001  11.180  13.285  1.00 58.09 ? 6  DT B "C5'" 1 
ATOM 346 C "C4'" . DT C 1 6 ? 12.658  12.017  12.205  1.00 57.15 ? 6  DT B "C4'" 1 
ATOM 347 O "O4'" . DT C 1 6 ? 11.641  12.680  11.417  1.00 56.01 ? 6  DT B "O4'" 1 
ATOM 348 C "C3'" . DT C 1 6 ? 13.531  13.127  12.782  1.00 57.08 ? 6  DT B "C3'" 1 
ATOM 349 O "O3'" . DT C 1 6 ? 14.919  12.733  12.776  1.00 57.85 ? 6  DT B "O3'" 1 
ATOM 350 C "C2'" . DT C 1 6 ? 13.241  14.357  11.919  1.00 55.70 ? 6  DT B "C2'" 1 
ATOM 351 C "C1'" . DT C 1 6 ? 12.200  13.874  10.915  1.00 54.81 ? 6  DT B "C1'" 1 
ATOM 352 N N1    . DT C 1 6 ? 11.133  14.903  10.603  1.00 53.58 ? 6  DT B N1    1 
ATOM 353 C C2    . DT C 1 6 ? 11.267  15.597  9.425   1.00 52.55 ? 6  DT B C2    1 
ATOM 354 O O2    . DT C 1 6 ? 12.187  15.409  8.655   1.00 54.19 ? 6  DT B O2    1 
ATOM 355 N N3    . DT C 1 6 ? 10.303  16.523  9.167   1.00 50.75 ? 6  DT B N3    1 
ATOM 356 C C4    . DT C 1 6 ? 9.234   16.817  9.955   1.00 50.72 ? 6  DT B C4    1 
ATOM 357 O O4    . DT C 1 6 ? 8.436   17.666  9.626   1.00 50.55 ? 6  DT B O4    1 
ATOM 358 C C5    . DT C 1 6 ? 9.127   16.075  11.180  1.00 51.85 ? 6  DT B C5    1 
ATOM 359 C C7    . DT C 1 6 ? 7.974   16.346  12.101  1.00 51.45 ? 6  DT B C7    1 
ATOM 360 C C6    . DT C 1 6 ? 10.072  15.159  11.453  1.00 52.71 ? 6  DT B C6    1 
# 
